data_4Q44
#
_entry.id   4Q44
#
_cell.length_a   86.655
_cell.length_b   56.934
_cell.length_c   110.396
_cell.angle_alpha   90.00
_cell.angle_beta   94.66
_cell.angle_gamma   90.00
#
_symmetry.space_group_name_H-M   'P 1 21 1'
#
loop_
_entity.id
_entity.type
_entity.pdbx_description
1 polymer 'DNA polymerase IV'
2 polymer "DNA (5'-D(*TP*CP*TP*AP*(RDG)P*GP*GP*TP*CP*CP*TP*AP*GP*GP*AP*CP*CP*C)-3')"
3 non-polymer "5'-O-[(R)-hydroxy{[(R)-hydroxy(phosphonooxy)phosphoryl]amino}phosphoryl]thymidine"
4 non-polymer 'MAGNESIUM ION'
5 water water
#
loop_
_entity_poly.entity_id
_entity_poly.type
_entity_poly.pdbx_seq_one_letter_code
_entity_poly.pdbx_strand_id
1 'polypeptide(L)'
;GSRKIIHVDMDCFFAAVEMRDNPALRDIPIAIGGSRERRGVISTANYPARKFGVRSAMPTGMALALCPHLTLLPGRFDAY
KEASNHIREIFSRYTSRIEPLSLDEAYLDVTDSVHCHGSATLIAQEIRQTIFNELQLTASAGVAPVKFLAKIASDMNKPN
GQFVITPAEVPAFLQTLPLAKIPGVGKVSAAKLEAMGLRTCGDVQACDLVMLLKRFGKFGRILWERSQGIDERDVNSERL
RKSVGVERTMAEDIHHWSECEAIIERLYPELERRLAKVKPDLLIARQGVKLKFDDFQQTTQEHVWPRLNKADLIATARKT
WDERRGGRGVRLVGLHVTLLDP
;
A,F
2 'polydeoxyribonucleotide' (DT)(DC)(DT)(DA)(RDG)(DG)(DG)(DT)(DC)(DC)(DT)(DA)(DG)(DG)(DA)(DC)(DC)(DC) B,C,G,H
#
loop_
_chem_comp.id
_chem_comp.type
_chem_comp.name
_chem_comp.formula
1FZ non-polymer 5'-O-[(R)-hydroxy{[(R)-hydroxy(phosphonooxy)phosphoryl]amino}phosphoryl]thymidine 'C10 H18 N3 O13 P3'
DA DNA linking 2'-DEOXYADENOSINE-5'-MONOPHOSPHATE 'C10 H14 N5 O6 P'
DC DNA linking 2'-DEOXYCYTIDINE-5'-MONOPHOSPHATE 'C9 H14 N3 O7 P'
DG DNA linking 2'-DEOXYGUANOSINE-5'-MONOPHOSPHATE 'C10 H14 N5 O7 P'
DT DNA linking THYMIDINE-5'-MONOPHOSPHATE 'C10 H15 N2 O8 P'
MG non-polymer 'MAGNESIUM ION' 'Mg 2'
RDG DNA linking '2'-deoxy-N-(furan-2-ylmethyl)guanosine 5'-(dihydrogen phosphate)' 'C15 H18 N5 O8 P'
#
# COMPACT_ATOMS: atom_id res chain seq x y z
N GLY A 1 -6.47 53.50 0.87
CA GLY A 1 -6.32 54.25 -0.36
C GLY A 1 -6.68 53.44 -1.59
N SER A 2 -6.05 53.77 -2.71
CA SER A 2 -6.28 53.05 -3.96
C SER A 2 -5.01 52.33 -4.41
N ARG A 3 -5.06 51.00 -4.46
CA ARG A 3 -3.90 50.22 -4.81
C ARG A 3 -3.83 49.91 -6.30
N LYS A 4 -2.63 49.54 -6.75
CA LYS A 4 -2.42 49.07 -8.11
C LYS A 4 -2.03 47.60 -8.03
N ILE A 5 -3.00 46.72 -8.24
CA ILE A 5 -2.77 45.29 -8.10
C ILE A 5 -2.64 44.64 -9.48
N ILE A 6 -1.73 43.68 -9.60
CA ILE A 6 -1.53 42.97 -10.86
C ILE A 6 -1.64 41.46 -10.69
N HIS A 7 -2.55 40.83 -11.40
CA HIS A 7 -2.58 39.38 -11.41
C HIS A 7 -1.90 38.85 -12.68
N VAL A 8 -0.92 37.99 -12.51
CA VAL A 8 -0.24 37.38 -13.65
C VAL A 8 -0.66 35.92 -13.81
N ASP A 9 -0.94 35.51 -15.05
CA ASP A 9 -1.38 34.13 -15.31
C ASP A 9 -0.72 33.58 -16.57
N MET A 10 -0.05 32.45 -16.45
CA MET A 10 0.55 31.81 -17.62
C MET A 10 -0.53 31.21 -18.50
N ASP A 11 -0.38 31.38 -19.81
CA ASP A 11 -1.34 30.86 -20.77
C ASP A 11 -1.06 29.39 -21.08
N CYS A 12 -2.05 28.54 -20.83
CA CYS A 12 -1.96 27.11 -21.13
C CYS A 12 -0.69 26.49 -20.56
N PHE A 13 -0.39 26.83 -19.31
CA PHE A 13 0.89 26.55 -18.65
C PHE A 13 1.61 25.25 -19.04
N PHE A 14 1.04 24.11 -18.65
CA PHE A 14 1.66 22.81 -18.92
C PHE A 14 1.87 22.60 -20.42
N ALA A 15 0.77 22.74 -21.17
CA ALA A 15 0.80 22.57 -22.62
C ALA A 15 1.74 23.58 -23.29
N ALA A 16 1.85 24.77 -22.68
CA ALA A 16 2.75 25.79 -23.21
C ALA A 16 4.21 25.36 -23.05
N VAL A 17 4.52 24.78 -21.90
CA VAL A 17 5.87 24.26 -21.66
C VAL A 17 6.18 23.12 -22.61
N GLU A 18 5.26 22.17 -22.69
CA GLU A 18 5.43 20.99 -23.54
C GLU A 18 5.57 21.35 -25.02
N MET A 19 4.83 22.37 -25.45
CA MET A 19 4.92 22.84 -26.83
C MET A 19 6.23 23.59 -27.06
N ARG A 20 6.67 24.34 -26.04
CA ARG A 20 7.92 25.06 -26.11
C ARG A 20 9.10 24.09 -26.27
N ASP A 21 9.03 22.98 -25.55
CA ASP A 21 10.10 21.98 -25.60
C ASP A 21 9.94 20.98 -26.75
N ASN A 22 8.86 21.12 -27.51
CA ASN A 22 8.57 20.21 -28.63
C ASN A 22 7.68 20.88 -29.68
N PRO A 23 8.28 21.68 -30.58
CA PRO A 23 7.56 22.41 -31.64
C PRO A 23 6.81 21.50 -32.61
N ALA A 24 7.07 20.20 -32.55
CA ALA A 24 6.33 19.24 -33.37
C ALA A 24 4.85 19.29 -32.99
N LEU A 25 4.58 19.67 -31.75
CA LEU A 25 3.22 19.90 -31.29
C LEU A 25 2.75 21.26 -31.80
N ARG A 26 2.59 22.20 -30.88
CA ARG A 26 2.19 23.58 -31.19
C ARG A 26 0.88 23.71 -31.98
N ASP A 27 0.84 23.14 -33.17
CA ASP A 27 -0.30 23.29 -34.07
C ASP A 27 -1.25 22.09 -34.03
N ILE A 28 -1.03 21.18 -33.09
CA ILE A 28 -1.87 20.00 -32.97
C ILE A 28 -2.56 19.93 -31.61
N PRO A 29 -3.73 19.27 -31.55
CA PRO A 29 -4.44 19.11 -30.27
C PRO A 29 -3.66 18.27 -29.27
N ILE A 30 -3.11 18.92 -28.25
CA ILE A 30 -2.43 18.20 -27.17
C ILE A 30 -3.10 18.47 -25.84
N ALA A 31 -2.87 17.59 -24.88
CA ALA A 31 -3.38 17.76 -23.53
C ALA A 31 -2.49 17.03 -22.53
N ILE A 32 -2.42 17.57 -21.32
CA ILE A 32 -1.69 16.92 -20.24
C ILE A 32 -2.69 16.26 -19.31
N GLY A 33 -2.51 14.97 -19.06
CA GLY A 33 -3.40 14.24 -18.18
C GLY A 33 -3.19 12.73 -18.23
N GLY A 34 -3.96 12.02 -17.42
CA GLY A 34 -3.86 10.58 -17.34
C GLY A 34 -4.69 9.88 -18.40
N SER A 35 -4.26 8.66 -18.76
CA SER A 35 -4.96 7.88 -19.76
C SER A 35 -6.27 7.32 -19.22
N ARG A 36 -7.19 6.97 -20.13
CA ARG A 36 -8.44 6.35 -19.74
C ARG A 36 -8.12 4.96 -19.20
N GLU A 37 -7.00 4.43 -19.68
CA GLU A 37 -6.40 3.24 -19.13
C GLU A 37 -6.31 3.31 -17.59
N ARG A 38 -5.66 4.35 -17.08
CA ARG A 38 -5.52 4.51 -15.63
C ARG A 38 -6.51 5.55 -15.10
N ARG A 39 -7.65 5.67 -15.78
CA ARG A 39 -8.75 6.54 -15.35
C ARG A 39 -8.32 7.98 -15.11
N GLY A 40 -7.76 8.61 -16.14
CA GLY A 40 -7.21 9.93 -16.00
C GLY A 40 -8.18 11.08 -16.20
N VAL A 41 -7.65 12.28 -16.04
CA VAL A 41 -8.41 13.51 -16.25
C VAL A 41 -7.46 14.54 -16.86
N ILE A 42 -7.99 15.40 -17.72
CA ILE A 42 -7.17 16.42 -18.38
C ILE A 42 -6.76 17.51 -17.40
N SER A 43 -5.45 17.69 -17.23
CA SER A 43 -4.93 18.77 -16.42
C SER A 43 -5.16 20.10 -17.14
N THR A 44 -4.69 20.18 -18.38
CA THR A 44 -4.95 21.33 -19.23
C THR A 44 -4.70 20.95 -20.69
N ALA A 45 -5.25 21.74 -21.61
CA ALA A 45 -5.09 21.49 -23.03
C ALA A 45 -4.62 22.76 -23.73
N ASN A 46 -4.06 22.60 -24.93
CA ASN A 46 -3.69 23.74 -25.74
C ASN A 46 -4.90 24.22 -26.55
N TYR A 47 -4.76 25.38 -27.18
CA TYR A 47 -5.89 26.01 -27.88
C TYR A 47 -6.54 25.20 -29.02
N PRO A 48 -5.73 24.55 -29.88
CA PRO A 48 -6.33 23.66 -30.88
C PRO A 48 -7.23 22.60 -30.24
N ALA A 49 -6.84 22.11 -29.07
CA ALA A 49 -7.64 21.12 -28.36
C ALA A 49 -8.89 21.74 -27.75
N ARG A 50 -8.74 22.93 -27.20
CA ARG A 50 -9.87 23.65 -26.60
C ARG A 50 -10.92 23.99 -27.65
N LYS A 51 -10.48 24.08 -28.90
CA LYS A 51 -11.38 24.30 -30.03
C LYS A 51 -12.39 23.16 -30.13
N PHE A 52 -11.97 21.95 -29.73
CA PHE A 52 -12.85 20.78 -29.75
C PHE A 52 -13.66 20.70 -28.46
N GLY A 53 -13.36 21.57 -27.51
CA GLY A 53 -14.09 21.61 -26.25
C GLY A 53 -13.37 20.87 -25.14
N VAL A 54 -12.13 20.50 -25.38
CA VAL A 54 -11.32 19.83 -24.38
C VAL A 54 -11.00 20.79 -23.23
N ARG A 55 -11.47 20.45 -22.04
CA ARG A 55 -11.32 21.31 -20.88
C ARG A 55 -10.47 20.66 -19.80
N SER A 56 -10.02 21.46 -18.85
CA SER A 56 -9.37 20.93 -17.65
C SER A 56 -10.41 20.17 -16.83
N ALA A 57 -9.95 19.18 -16.07
CA ALA A 57 -10.81 18.35 -15.23
C ALA A 57 -11.80 17.48 -16.01
N MET A 58 -11.71 17.52 -17.33
CA MET A 58 -12.54 16.65 -18.16
C MET A 58 -11.95 15.26 -18.18
N PRO A 59 -12.80 14.23 -17.98
CA PRO A 59 -12.35 12.84 -18.08
C PRO A 59 -11.73 12.59 -19.45
N THR A 60 -10.58 11.93 -19.47
CA THR A 60 -9.84 11.70 -20.71
C THR A 60 -10.68 10.96 -21.75
N GLY A 61 -11.56 10.08 -21.26
CA GLY A 61 -12.48 9.37 -22.14
C GLY A 61 -13.45 10.33 -22.81
N MET A 62 -13.87 11.35 -22.07
CA MET A 62 -14.77 12.36 -22.60
C MET A 62 -14.05 13.28 -23.59
N ALA A 63 -12.76 13.49 -23.35
CA ALA A 63 -11.96 14.36 -24.19
C ALA A 63 -11.56 13.69 -25.50
N LEU A 64 -11.38 12.37 -25.46
CA LEU A 64 -11.02 11.61 -26.65
C LEU A 64 -12.21 11.46 -27.59
N ALA A 65 -13.42 11.45 -27.02
CA ALA A 65 -14.64 11.37 -27.82
C ALA A 65 -14.94 12.71 -28.48
N LEU A 66 -14.32 13.77 -27.98
CA LEU A 66 -14.46 15.09 -28.56
C LEU A 66 -13.30 15.37 -29.50
N CYS A 67 -12.13 14.84 -29.16
CA CYS A 67 -10.94 15.02 -29.98
C CYS A 67 -10.21 13.69 -30.14
N PRO A 68 -10.64 12.88 -31.13
CA PRO A 68 -10.09 11.54 -31.39
C PRO A 68 -8.59 11.56 -31.68
N HIS A 69 -8.06 12.71 -32.06
CA HIS A 69 -6.64 12.82 -32.38
C HIS A 69 -5.89 13.62 -31.34
N LEU A 70 -6.47 13.72 -30.14
CA LEU A 70 -5.81 14.39 -29.02
C LEU A 70 -4.55 13.62 -28.63
N THR A 71 -3.42 14.33 -28.58
CA THR A 71 -2.19 13.73 -28.09
C THR A 71 -2.11 13.91 -26.58
N LEU A 72 -1.97 12.80 -25.86
CA LEU A 72 -2.03 12.82 -24.41
C LEU A 72 -0.65 12.75 -23.77
N LEU A 73 -0.34 13.74 -22.95
CA LEU A 73 0.95 13.82 -22.27
C LEU A 73 0.80 13.57 -20.77
N PRO A 74 1.79 12.91 -20.15
CA PRO A 74 1.73 12.56 -18.73
C PRO A 74 1.95 13.74 -17.79
N GLY A 75 2.96 14.57 -18.09
CA GLY A 75 3.26 15.72 -17.25
C GLY A 75 4.68 15.70 -16.71
N ARG A 76 5.43 16.75 -17.03
CA ARG A 76 6.80 16.89 -16.56
C ARG A 76 6.86 18.00 -15.51
N PHE A 77 6.61 17.63 -14.26
CA PHE A 77 6.42 18.61 -13.19
C PHE A 77 7.62 19.52 -12.90
N ASP A 78 8.82 18.96 -12.87
CA ASP A 78 10.01 19.74 -12.57
C ASP A 78 10.23 20.83 -13.62
N ALA A 79 9.87 20.51 -14.86
CA ALA A 79 9.93 21.46 -15.95
C ALA A 79 8.94 22.61 -15.75
N TYR A 80 7.94 22.39 -14.90
CA TYR A 80 6.97 23.42 -14.57
C TYR A 80 7.45 24.21 -13.36
N LYS A 81 8.14 23.51 -12.47
CA LYS A 81 8.64 24.13 -11.24
C LYS A 81 9.77 25.11 -11.54
N GLU A 82 10.64 24.76 -12.49
CA GLU A 82 11.70 25.67 -12.91
C GLU A 82 11.12 26.96 -13.49
N ALA A 83 10.09 26.81 -14.33
CA ALA A 83 9.43 27.96 -14.94
C ALA A 83 8.75 28.82 -13.89
N SER A 84 8.08 28.16 -12.93
CA SER A 84 7.41 28.86 -11.84
C SER A 84 8.40 29.69 -11.01
N ASN A 85 9.46 29.04 -10.58
CA ASN A 85 10.52 29.73 -9.83
C ASN A 85 11.10 30.90 -10.62
N HIS A 86 11.34 30.68 -11.91
CA HIS A 86 11.88 31.73 -12.78
C HIS A 86 10.96 32.95 -12.84
N ILE A 87 9.70 32.73 -13.18
CA ILE A 87 8.75 33.83 -13.29
C ILE A 87 8.55 34.53 -11.95
N ARG A 88 8.69 33.79 -10.85
CA ARG A 88 8.63 34.40 -9.52
C ARG A 88 9.83 35.30 -9.26
N GLU A 89 11.00 34.90 -9.77
CA GLU A 89 12.17 35.76 -9.68
C GLU A 89 11.94 37.04 -10.48
N ILE A 90 11.37 36.87 -11.67
CA ILE A 90 11.00 38.00 -12.52
C ILE A 90 10.05 38.94 -11.79
N PHE A 91 9.11 38.36 -11.03
CA PHE A 91 8.19 39.16 -10.23
C PHE A 91 8.94 39.91 -9.14
N SER A 92 9.91 39.23 -8.53
CA SER A 92 10.69 39.83 -7.45
C SER A 92 11.55 40.99 -7.93
N ARG A 93 11.87 41.00 -9.23
CA ARG A 93 12.60 42.13 -9.80
C ARG A 93 11.82 43.45 -9.70
N TYR A 94 10.50 43.36 -9.59
CA TYR A 94 9.66 44.56 -9.63
C TYR A 94 9.11 44.96 -8.25
N THR A 95 8.95 43.99 -7.36
CA THR A 95 8.50 44.27 -6.00
C THR A 95 8.72 43.08 -5.07
N SER A 96 8.55 43.32 -3.78
CA SER A 96 8.63 42.26 -2.78
C SER A 96 7.23 41.77 -2.43
N ARG A 97 6.25 42.64 -2.64
CA ARG A 97 4.85 42.31 -2.41
C ARG A 97 4.38 41.31 -3.45
N ILE A 98 4.51 40.02 -3.13
CA ILE A 98 4.18 38.96 -4.08
C ILE A 98 3.41 37.83 -3.42
N GLU A 99 2.20 37.56 -3.91
CA GLU A 99 1.41 36.44 -3.42
C GLU A 99 1.16 35.42 -4.51
N PRO A 100 2.01 34.37 -4.56
CA PRO A 100 1.82 33.26 -5.51
C PRO A 100 0.59 32.46 -5.16
N LEU A 101 -0.26 32.19 -6.14
CA LEU A 101 -1.48 31.43 -5.91
C LEU A 101 -1.30 29.98 -6.37
N SER A 102 -0.33 29.78 -7.26
CA SER A 102 0.03 28.45 -7.74
C SER A 102 1.42 28.51 -8.33
N LEU A 103 1.64 27.72 -9.38
CA LEU A 103 2.92 27.77 -10.09
C LEU A 103 2.89 28.90 -11.10
N ASP A 104 1.74 29.07 -11.75
CA ASP A 104 1.64 29.99 -12.88
C ASP A 104 0.85 31.25 -12.57
N GLU A 105 0.58 31.51 -11.29
CA GLU A 105 -0.20 32.67 -10.90
C GLU A 105 0.40 33.44 -9.73
N ALA A 106 0.22 34.75 -9.73
CA ALA A 106 0.68 35.60 -8.63
C ALA A 106 0.00 36.96 -8.64
N TYR A 107 -0.34 37.43 -7.43
CA TYR A 107 -0.79 38.80 -7.20
C TYR A 107 0.41 39.66 -6.85
N LEU A 108 0.45 40.88 -7.39
CA LEU A 108 1.52 41.82 -7.09
C LEU A 108 0.93 43.15 -6.63
N ASP A 109 1.33 43.60 -5.45
CA ASP A 109 0.98 44.93 -4.98
C ASP A 109 2.09 45.87 -5.43
N VAL A 110 1.75 46.74 -6.39
CA VAL A 110 2.79 47.47 -7.12
C VAL A 110 2.58 48.99 -7.05
N THR A 111 1.83 49.42 -6.04
CA THR A 111 1.52 50.83 -5.82
C THR A 111 2.78 51.66 -5.58
N ASP A 112 3.46 51.37 -4.48
CA ASP A 112 4.62 52.14 -4.05
C ASP A 112 5.82 51.96 -4.96
N SER A 113 5.65 51.15 -6.01
CA SER A 113 6.70 50.93 -6.99
C SER A 113 6.99 52.19 -7.78
N VAL A 114 8.27 52.44 -8.03
CA VAL A 114 8.72 53.59 -8.80
C VAL A 114 9.30 53.13 -10.13
N HIS A 115 8.81 52.00 -10.63
CA HIS A 115 9.45 51.33 -11.76
C HIS A 115 9.18 51.95 -13.14
N CYS A 116 7.91 52.04 -13.53
CA CYS A 116 7.57 52.62 -14.81
C CYS A 116 6.69 53.85 -14.61
N HIS A 117 7.25 54.82 -13.89
CA HIS A 117 6.54 56.06 -13.54
C HIS A 117 5.26 55.78 -12.77
N GLY A 118 5.28 54.74 -11.96
CA GLY A 118 4.14 54.38 -11.12
C GLY A 118 2.99 53.81 -11.92
N SER A 119 3.27 53.32 -13.13
CA SER A 119 2.24 52.76 -13.98
C SER A 119 2.21 51.23 -13.91
N ALA A 120 1.09 50.69 -13.45
CA ALA A 120 0.93 49.24 -13.35
C ALA A 120 0.83 48.61 -14.74
N THR A 121 0.34 49.39 -15.70
CA THR A 121 0.20 48.91 -17.08
C THR A 121 1.56 48.58 -17.69
N LEU A 122 2.46 49.54 -17.68
CA LEU A 122 3.80 49.34 -18.24
C LEU A 122 4.59 48.29 -17.47
N ILE A 123 4.35 48.21 -16.16
CA ILE A 123 5.01 47.22 -15.33
C ILE A 123 4.57 45.81 -15.70
N ALA A 124 3.25 45.61 -15.82
CA ALA A 124 2.70 44.33 -16.22
C ALA A 124 3.17 43.95 -17.62
N GLN A 125 3.14 44.91 -18.52
CA GLN A 125 3.61 44.73 -19.89
C GLN A 125 5.06 44.25 -19.92
N GLU A 126 5.89 44.91 -19.11
CA GLU A 126 7.32 44.56 -19.03
C GLU A 126 7.54 43.19 -18.39
N ILE A 127 6.70 42.83 -17.43
CA ILE A 127 6.80 41.51 -16.81
C ILE A 127 6.47 40.43 -17.84
N ARG A 128 5.43 40.67 -18.64
CA ARG A 128 5.05 39.74 -19.69
C ARG A 128 6.12 39.61 -20.77
N GLN A 129 6.68 40.75 -21.18
CA GLN A 129 7.75 40.76 -22.17
C GLN A 129 9.00 40.04 -21.67
N THR A 130 9.39 40.35 -20.43
CA THR A 130 10.56 39.73 -19.79
C THR A 130 10.38 38.22 -19.68
N ILE A 131 9.19 37.80 -19.27
CA ILE A 131 8.85 36.38 -19.18
C ILE A 131 8.96 35.72 -20.55
N PHE A 132 8.42 36.38 -21.57
CA PHE A 132 8.50 35.91 -22.94
C PHE A 132 9.95 35.68 -23.36
N ASN A 133 10.81 36.66 -23.09
CA ASN A 133 12.19 36.59 -23.52
C ASN A 133 13.00 35.53 -22.77
N GLU A 134 12.90 35.54 -21.45
CA GLU A 134 13.73 34.67 -20.61
C GLU A 134 13.22 33.24 -20.51
N LEU A 135 11.96 33.00 -20.87
CA LEU A 135 11.40 31.66 -20.73
C LEU A 135 10.80 31.08 -22.01
N GLN A 136 10.57 31.92 -23.02
CA GLN A 136 9.85 31.53 -24.22
C GLN A 136 8.42 31.07 -23.86
N LEU A 137 7.95 31.55 -22.72
CA LEU A 137 6.56 31.31 -22.31
C LEU A 137 5.74 32.58 -22.46
N THR A 138 4.47 32.43 -22.80
CA THR A 138 3.59 33.59 -22.93
C THR A 138 2.74 33.75 -21.68
N ALA A 139 2.34 34.98 -21.38
CA ALA A 139 1.59 35.26 -20.17
C ALA A 139 0.55 36.34 -20.38
N SER A 140 -0.48 36.34 -19.53
CA SER A 140 -1.52 37.34 -19.55
C SER A 140 -1.62 38.03 -18.19
N ALA A 141 -2.18 39.23 -18.17
CA ALA A 141 -2.21 40.03 -16.94
C ALA A 141 -3.46 40.88 -16.74
N GLY A 142 -3.83 41.03 -15.48
CA GLY A 142 -4.92 41.92 -15.11
C GLY A 142 -4.41 43.02 -14.20
N VAL A 143 -4.85 44.24 -14.45
CA VAL A 143 -4.46 45.39 -13.63
C VAL A 143 -5.71 46.02 -13.03
N ALA A 144 -5.74 46.14 -11.70
CA ALA A 144 -6.95 46.58 -11.02
C ALA A 144 -6.66 47.20 -9.65
N PRO A 145 -7.61 48.00 -9.14
CA PRO A 145 -7.49 48.56 -7.79
C PRO A 145 -7.47 47.47 -6.73
N VAL A 146 -8.23 46.40 -6.95
CA VAL A 146 -8.33 45.32 -5.99
C VAL A 146 -7.92 43.98 -6.60
N LYS A 147 -7.95 42.93 -5.79
CA LYS A 147 -7.49 41.60 -6.22
C LYS A 147 -8.42 40.93 -7.24
N PHE A 148 -9.68 40.74 -6.87
CA PHE A 148 -10.60 39.94 -7.68
C PHE A 148 -10.81 40.53 -9.08
N LEU A 149 -10.71 41.86 -9.19
CA LEU A 149 -10.82 42.51 -10.48
C LEU A 149 -9.54 42.32 -11.31
N ALA A 150 -8.42 42.16 -10.63
CA ALA A 150 -7.16 41.87 -11.32
C ALA A 150 -7.22 40.45 -11.86
N LYS A 151 -7.79 39.55 -11.06
CA LYS A 151 -7.99 38.16 -11.48
C LYS A 151 -8.92 38.08 -12.67
N ILE A 152 -10.05 38.80 -12.58
CA ILE A 152 -11.03 38.84 -13.67
C ILE A 152 -10.44 39.41 -14.94
N ALA A 153 -9.75 40.55 -14.82
CA ALA A 153 -9.14 41.21 -15.97
C ALA A 153 -8.01 40.36 -16.56
N SER A 154 -7.44 39.48 -15.75
CA SER A 154 -6.36 38.61 -16.20
C SER A 154 -6.81 37.63 -17.28
N ASP A 155 -8.09 37.27 -17.26
CA ASP A 155 -8.64 36.29 -18.21
C ASP A 155 -9.34 36.95 -19.40
N MET A 156 -9.45 38.27 -19.38
CA MET A 156 -10.21 38.98 -20.39
C MET A 156 -9.46 39.21 -21.71
N ASN A 157 -8.14 39.03 -21.67
CA ASN A 157 -7.34 39.25 -22.87
C ASN A 157 -6.36 38.12 -23.16
N LYS A 158 -6.56 36.97 -22.51
CA LYS A 158 -5.72 35.81 -22.77
C LYS A 158 -6.08 35.20 -24.11
N PRO A 159 -5.08 34.62 -24.81
CA PRO A 159 -3.69 34.50 -24.39
C PRO A 159 -2.84 35.71 -24.80
N ASN A 160 -1.72 35.93 -24.10
CA ASN A 160 -0.75 36.97 -24.43
C ASN A 160 -1.36 38.37 -24.55
N GLY A 161 -2.23 38.72 -23.60
CA GLY A 161 -2.81 40.05 -23.55
C GLY A 161 -2.98 40.50 -22.12
N GLN A 162 -3.26 41.77 -21.92
CA GLN A 162 -3.53 42.26 -20.58
C GLN A 162 -4.69 43.24 -20.57
N PHE A 163 -5.43 43.28 -19.47
CA PHE A 163 -6.58 44.17 -19.37
C PHE A 163 -6.49 45.02 -18.12
N VAL A 164 -6.90 46.28 -18.23
CA VAL A 164 -6.79 47.21 -17.12
C VAL A 164 -8.14 47.79 -16.72
N ILE A 165 -8.47 47.68 -15.44
CA ILE A 165 -9.68 48.28 -14.90
C ILE A 165 -9.29 49.44 -13.98
N THR A 166 -9.70 50.65 -14.34
CA THR A 166 -9.40 51.83 -13.54
C THR A 166 -10.54 52.08 -12.56
N PRO A 167 -10.25 52.78 -11.45
CA PRO A 167 -11.28 53.14 -10.46
C PRO A 167 -12.50 53.81 -11.08
N ALA A 168 -12.30 54.55 -12.17
CA ALA A 168 -13.39 55.23 -12.84
C ALA A 168 -14.20 54.28 -13.71
N GLU A 169 -13.59 53.15 -14.09
CA GLU A 169 -14.26 52.17 -14.94
C GLU A 169 -14.98 51.11 -14.11
N VAL A 170 -14.65 51.03 -12.83
CA VAL A 170 -15.19 50.01 -11.94
C VAL A 170 -16.73 49.92 -11.86
N PRO A 171 -17.42 51.05 -11.58
CA PRO A 171 -18.88 50.95 -11.45
C PRO A 171 -19.58 50.44 -12.70
N ALA A 172 -19.18 50.94 -13.86
CA ALA A 172 -19.76 50.50 -15.13
C ALA A 172 -19.43 49.05 -15.40
N PHE A 173 -18.24 48.64 -14.98
CA PHE A 173 -17.78 47.27 -15.15
C PHE A 173 -18.57 46.31 -14.28
N LEU A 174 -18.91 46.75 -13.08
CA LEU A 174 -19.59 45.91 -12.10
C LEU A 174 -21.04 45.60 -12.48
N GLN A 175 -21.72 46.56 -13.07
CA GLN A 175 -23.15 46.44 -13.37
C GLN A 175 -23.51 45.16 -14.14
N THR A 176 -22.90 44.97 -15.30
CA THR A 176 -23.19 43.81 -16.13
C THR A 176 -22.15 42.71 -15.94
N LEU A 177 -21.61 42.61 -14.72
CA LEU A 177 -20.62 41.59 -14.41
C LEU A 177 -21.30 40.38 -13.78
N PRO A 178 -21.32 39.24 -14.51
CA PRO A 178 -21.89 37.99 -14.00
C PRO A 178 -21.18 37.54 -12.73
N LEU A 179 -21.96 37.07 -11.76
CA LEU A 179 -21.40 36.65 -10.47
C LEU A 179 -20.47 35.46 -10.60
N ALA A 180 -20.70 34.65 -11.63
CA ALA A 180 -19.87 33.47 -11.89
C ALA A 180 -18.46 33.86 -12.33
N LYS A 181 -18.29 35.12 -12.71
CA LYS A 181 -17.00 35.64 -13.11
C LYS A 181 -16.14 35.97 -11.89
N ILE A 182 -16.80 36.05 -10.74
CA ILE A 182 -16.11 36.34 -9.48
C ILE A 182 -15.47 35.08 -8.91
N PRO A 183 -14.17 35.15 -8.59
CA PRO A 183 -13.45 34.03 -7.99
C PRO A 183 -14.09 33.61 -6.67
N GLY A 184 -14.32 32.31 -6.51
CA GLY A 184 -14.99 31.79 -5.33
C GLY A 184 -16.43 31.46 -5.61
N VAL A 185 -16.91 31.90 -6.78
CA VAL A 185 -18.27 31.61 -7.20
C VAL A 185 -18.26 30.56 -8.30
N GLY A 186 -18.48 29.30 -7.91
CA GLY A 186 -18.50 28.21 -8.87
C GLY A 186 -19.91 27.87 -9.31
N LYS A 187 -20.10 26.64 -9.78
CA LYS A 187 -21.39 26.20 -10.32
C LYS A 187 -22.52 26.24 -9.30
N VAL A 188 -22.29 25.68 -8.13
CA VAL A 188 -23.31 25.61 -7.08
C VAL A 188 -23.76 26.99 -6.61
N SER A 189 -22.79 27.83 -6.28
CA SER A 189 -23.08 29.19 -5.82
C SER A 189 -23.83 29.97 -6.89
N ALA A 190 -23.32 29.94 -8.11
CA ALA A 190 -23.93 30.66 -9.23
C ALA A 190 -25.34 30.16 -9.50
N ALA A 191 -25.58 28.87 -9.28
CA ALA A 191 -26.90 28.30 -9.49
C ALA A 191 -27.85 28.73 -8.38
N LYS A 192 -27.32 28.87 -7.17
CA LYS A 192 -28.10 29.36 -6.04
C LYS A 192 -28.54 30.79 -6.30
N LEU A 193 -27.57 31.65 -6.64
CA LEU A 193 -27.83 33.04 -6.99
C LEU A 193 -28.83 33.14 -8.14
N GLU A 194 -28.61 32.33 -9.17
CA GLU A 194 -29.49 32.28 -10.34
C GLU A 194 -30.92 31.95 -9.93
N ALA A 195 -31.05 30.98 -9.04
CA ALA A 195 -32.37 30.58 -8.54
C ALA A 195 -32.99 31.70 -7.71
N MET A 196 -32.15 32.54 -7.12
CA MET A 196 -32.64 33.69 -6.37
C MET A 196 -32.84 34.92 -7.25
N GLY A 197 -32.64 34.74 -8.55
CA GLY A 197 -32.83 35.83 -9.51
C GLY A 197 -31.65 36.77 -9.60
N LEU A 198 -30.51 36.34 -9.07
CA LEU A 198 -29.30 37.14 -9.10
C LEU A 198 -28.30 36.57 -10.10
N ARG A 199 -27.93 37.38 -11.09
CA ARG A 199 -26.98 36.95 -12.11
C ARG A 199 -25.76 37.85 -12.15
N THR A 200 -25.98 39.15 -11.97
CA THR A 200 -24.90 40.13 -12.07
C THR A 200 -24.59 40.77 -10.71
N CYS A 201 -23.47 41.49 -10.65
CA CYS A 201 -23.11 42.24 -9.47
C CYS A 201 -24.12 43.37 -9.25
N GLY A 202 -24.60 43.94 -10.36
CA GLY A 202 -25.61 44.98 -10.31
C GLY A 202 -26.90 44.49 -9.68
N ASP A 203 -27.20 43.20 -9.87
CA ASP A 203 -28.36 42.60 -9.25
C ASP A 203 -28.19 42.51 -7.73
N VAL A 204 -26.94 42.36 -7.31
CA VAL A 204 -26.62 42.20 -5.89
C VAL A 204 -26.55 43.57 -5.19
N GLN A 205 -26.19 44.60 -5.95
CA GLN A 205 -26.11 45.95 -5.39
C GLN A 205 -27.46 46.46 -4.89
N ALA A 206 -28.54 45.96 -5.50
CA ALA A 206 -29.89 46.33 -5.08
C ALA A 206 -30.50 45.24 -4.20
N CYS A 207 -29.66 44.57 -3.42
CA CYS A 207 -30.12 43.49 -2.55
C CYS A 207 -29.93 43.79 -1.07
N ASP A 208 -30.70 43.12 -0.23
CA ASP A 208 -30.60 43.26 1.22
C ASP A 208 -29.43 42.45 1.75
N LEU A 209 -28.47 43.14 2.39
CA LEU A 209 -27.28 42.50 2.95
C LEU A 209 -27.64 41.45 4.01
N VAL A 210 -28.70 41.73 4.77
CA VAL A 210 -29.16 40.84 5.81
C VAL A 210 -29.56 39.48 5.23
N MET A 211 -30.28 39.49 4.11
CA MET A 211 -30.68 38.28 3.43
C MET A 211 -29.47 37.46 3.00
N LEU A 212 -28.50 38.12 2.37
CA LEU A 212 -27.28 37.47 1.93
C LEU A 212 -26.53 36.83 3.09
N LEU A 213 -26.43 37.56 4.20
CA LEU A 213 -25.82 37.03 5.41
C LEU A 213 -26.57 35.81 5.93
N LYS A 214 -27.89 35.84 5.81
CA LYS A 214 -28.73 34.72 6.23
C LYS A 214 -28.45 33.47 5.40
N ARG A 215 -28.60 33.60 4.09
CA ARG A 215 -28.56 32.45 3.19
C ARG A 215 -27.14 31.95 2.87
N PHE A 216 -26.14 32.78 3.10
CA PHE A 216 -24.78 32.42 2.69
C PHE A 216 -23.73 32.60 3.78
N GLY A 217 -24.06 33.36 4.81
CA GLY A 217 -23.11 33.64 5.88
C GLY A 217 -22.02 34.58 5.40
N LYS A 218 -20.76 34.17 5.57
CA LYS A 218 -19.62 34.99 5.16
C LYS A 218 -19.61 35.19 3.65
N PHE A 219 -20.00 34.15 2.93
CA PHE A 219 -20.06 34.19 1.46
C PHE A 219 -20.98 35.31 0.98
N GLY A 220 -22.05 35.56 1.70
CA GLY A 220 -22.98 36.62 1.36
C GLY A 220 -22.35 37.98 1.52
N ARG A 221 -21.65 38.18 2.63
CA ARG A 221 -20.94 39.42 2.89
C ARG A 221 -19.89 39.68 1.81
N ILE A 222 -19.07 38.69 1.53
CA ILE A 222 -18.04 38.82 0.51
C ILE A 222 -18.64 39.10 -0.87
N LEU A 223 -19.76 38.43 -1.15
CA LEU A 223 -20.45 38.61 -2.42
C LEU A 223 -20.93 40.06 -2.57
N TRP A 224 -21.57 40.57 -1.52
CA TRP A 224 -22.06 41.95 -1.50
C TRP A 224 -20.91 42.94 -1.65
N GLU A 225 -19.88 42.76 -0.85
CA GLU A 225 -18.71 43.64 -0.86
C GLU A 225 -18.05 43.73 -2.24
N ARG A 226 -17.72 42.59 -2.83
CA ARG A 226 -17.05 42.60 -4.13
C ARG A 226 -18.01 43.02 -5.25
N SER A 227 -19.30 42.80 -5.03
CA SER A 227 -20.32 43.31 -5.93
C SER A 227 -20.29 44.83 -5.90
N GLN A 228 -19.87 45.37 -4.76
CA GLN A 228 -19.69 46.82 -4.60
C GLN A 228 -18.32 47.26 -5.10
N GLY A 229 -17.47 46.29 -5.45
CA GLY A 229 -16.12 46.59 -5.89
C GLY A 229 -15.15 46.67 -4.74
N ILE A 230 -15.61 46.24 -3.56
CA ILE A 230 -14.78 46.26 -2.37
C ILE A 230 -14.05 44.92 -2.19
N ASP A 231 -12.73 45.00 -2.08
CA ASP A 231 -11.91 43.83 -1.82
C ASP A 231 -10.67 44.24 -1.04
N GLU A 232 -10.83 44.39 0.27
CA GLU A 232 -9.78 44.89 1.13
C GLU A 232 -8.65 43.88 1.34
N ARG A 233 -8.75 42.72 0.69
CA ARG A 233 -7.69 41.72 0.76
C ARG A 233 -6.32 42.27 0.33
N ASP A 234 -5.37 42.21 1.25
CA ASP A 234 -4.02 42.73 1.01
C ASP A 234 -3.13 41.61 0.52
N VAL A 235 -2.25 41.93 -0.44
CA VAL A 235 -1.27 40.96 -0.94
C VAL A 235 -0.36 40.57 0.22
N ASN A 236 -0.30 39.27 0.51
CA ASN A 236 0.30 38.79 1.74
C ASN A 236 1.82 38.63 1.70
N SER A 237 2.31 37.76 0.82
CA SER A 237 3.74 37.46 0.67
C SER A 237 4.36 36.67 1.85
N GLU A 238 3.56 36.44 2.90
CA GLU A 238 4.03 35.64 4.03
C GLU A 238 3.30 34.31 4.09
N ARG A 239 2.53 34.01 3.06
CA ARG A 239 1.69 32.81 3.02
C ARG A 239 2.52 31.52 3.02
N LEU A 240 2.02 30.51 3.74
CA LEU A 240 2.75 29.26 3.93
C LEU A 240 1.83 28.05 3.71
N ARG A 241 2.44 26.89 3.48
CA ARG A 241 1.70 25.64 3.34
C ARG A 241 0.97 25.31 4.62
N LYS A 242 -0.21 24.72 4.50
CA LYS A 242 -0.98 24.31 5.67
C LYS A 242 -1.30 22.81 5.64
N SER A 243 -0.70 22.10 4.69
CA SER A 243 -0.90 20.66 4.54
C SER A 243 -0.06 20.07 3.42
N VAL A 244 0.13 18.77 3.48
CA VAL A 244 0.69 18.01 2.36
C VAL A 244 0.14 16.58 2.40
N GLY A 245 -0.25 16.08 1.22
CA GLY A 245 -0.81 14.76 1.11
C GLY A 245 -0.37 14.03 -0.14
N VAL A 246 -0.50 12.70 -0.11
CA VAL A 246 -0.17 11.86 -1.26
C VAL A 246 -1.29 10.85 -1.48
N GLU A 247 -2.02 11.01 -2.58
CA GLU A 247 -3.14 10.12 -2.88
C GLU A 247 -3.02 9.55 -4.30
N ARG A 248 -3.65 8.40 -4.53
CA ARG A 248 -3.59 7.76 -5.84
C ARG A 248 -4.87 7.00 -6.20
N THR A 249 -5.23 7.07 -7.48
CA THR A 249 -6.37 6.35 -8.02
C THR A 249 -5.90 5.19 -8.90
N MET A 250 -6.50 4.03 -8.71
CA MET A 250 -6.10 2.83 -9.43
C MET A 250 -7.08 2.55 -10.57
N ALA A 251 -6.75 1.57 -11.41
CA ALA A 251 -7.70 1.06 -12.41
C ALA A 251 -8.92 0.56 -11.67
N GLU A 252 -8.65 -0.07 -10.52
CA GLU A 252 -9.52 -0.20 -9.34
C GLU A 252 -9.36 -1.52 -8.59
N ASP A 253 -10.39 -2.34 -8.68
CA ASP A 253 -10.63 -3.39 -7.70
C ASP A 253 -10.40 -2.85 -6.29
N ILE A 254 -9.40 -3.40 -5.61
CA ILE A 254 -9.26 -3.28 -4.16
C ILE A 254 -10.62 -3.39 -3.44
N HIS A 255 -10.95 -4.63 -3.09
CA HIS A 255 -12.10 -4.92 -2.26
C HIS A 255 -11.56 -5.68 -1.07
N HIS A 256 -10.26 -5.94 -1.12
CA HIS A 256 -9.53 -6.58 -0.03
C HIS A 256 -8.74 -5.53 0.73
N TRP A 257 -8.54 -5.76 2.02
CA TRP A 257 -7.83 -4.81 2.87
C TRP A 257 -6.31 -4.82 2.61
N SER A 258 -5.77 -5.99 2.29
CA SER A 258 -4.35 -6.13 2.04
C SER A 258 -3.87 -5.26 0.88
N GLU A 259 -4.76 -5.01 -0.08
CA GLU A 259 -4.45 -4.16 -1.22
C GLU A 259 -4.34 -2.71 -0.78
N CYS A 260 -5.33 -2.27 0.01
CA CYS A 260 -5.31 -0.93 0.60
C CYS A 260 -4.02 -0.71 1.38
N GLU A 261 -3.67 -1.67 2.22
CA GLU A 261 -2.45 -1.58 3.03
C GLU A 261 -1.20 -1.55 2.16
N ALA A 262 -1.15 -2.38 1.13
CA ALA A 262 0.00 -2.40 0.22
C ALA A 262 0.19 -1.03 -0.44
N ILE A 263 -0.92 -0.47 -0.92
CA ILE A 263 -0.91 0.86 -1.53
C ILE A 263 -0.43 1.91 -0.51
N ILE A 264 -0.84 1.76 0.74
CA ILE A 264 -0.36 2.65 1.79
C ILE A 264 1.15 2.52 1.98
N GLU A 265 1.64 1.29 1.93
CA GLU A 265 3.06 1.01 2.05
C GLU A 265 3.84 1.65 0.91
N ARG A 266 3.20 1.74 -0.25
CA ARG A 266 3.85 2.36 -1.40
C ARG A 266 3.66 3.88 -1.44
N LEU A 267 2.74 4.37 -0.62
CA LEU A 267 2.45 5.80 -0.59
C LEU A 267 3.22 6.54 0.51
N TYR A 268 3.52 5.83 1.60
CA TYR A 268 4.22 6.43 2.74
C TYR A 268 5.63 6.97 2.50
N PRO A 269 6.47 6.24 1.72
CA PRO A 269 7.81 6.79 1.48
C PRO A 269 7.80 8.19 0.86
N GLU A 270 6.75 8.50 0.11
CA GLU A 270 6.65 9.78 -0.57
C GLU A 270 6.06 10.86 0.33
N LEU A 271 5.12 10.47 1.20
CA LEU A 271 4.60 11.39 2.21
C LEU A 271 5.73 11.82 3.14
N GLU A 272 6.72 10.94 3.26
CA GLU A 272 7.91 11.23 4.05
C GLU A 272 8.78 12.28 3.37
N ARG A 273 9.30 11.95 2.19
CA ARG A 273 10.26 12.82 1.52
C ARG A 273 9.65 14.05 0.85
N ARG A 274 8.36 14.27 1.09
CA ARG A 274 7.73 15.53 0.69
C ARG A 274 7.55 16.40 1.92
N LEU A 275 7.34 15.75 3.06
CA LEU A 275 7.20 16.44 4.33
C LEU A 275 8.57 16.77 4.90
N ALA A 276 9.54 15.91 4.63
CA ALA A 276 10.90 16.11 5.10
C ALA A 276 11.50 17.39 4.54
N LYS A 277 11.05 17.78 3.35
CA LYS A 277 11.57 18.96 2.67
C LYS A 277 11.22 20.26 3.37
N VAL A 278 10.07 20.31 4.02
CA VAL A 278 9.63 21.56 4.66
C VAL A 278 9.54 21.42 6.18
N LYS A 279 9.92 20.27 6.68
CA LYS A 279 10.18 20.06 8.10
C LYS A 279 10.89 18.75 8.30
N PRO A 280 12.21 18.80 8.40
CA PRO A 280 13.08 17.63 8.52
C PRO A 280 12.75 16.76 9.74
N ASP A 281 12.17 17.37 10.78
CA ASP A 281 11.87 16.64 12.01
C ASP A 281 10.45 16.09 12.02
N LEU A 282 9.74 16.26 10.90
CA LEU A 282 8.40 15.71 10.71
C LEU A 282 7.44 16.26 11.77
N LEU A 283 6.97 17.47 11.54
CA LEU A 283 6.17 18.21 12.51
C LEU A 283 4.82 17.52 12.87
N ILE A 284 3.72 18.01 12.30
CA ILE A 284 2.39 17.38 12.34
C ILE A 284 1.51 17.75 13.54
N ALA A 285 0.38 18.38 13.25
CA ALA A 285 -0.65 18.66 14.23
C ALA A 285 -1.73 17.58 14.14
N ARG A 286 -2.01 17.16 12.90
CA ARG A 286 -2.91 16.03 12.66
C ARG A 286 -2.33 15.09 11.60
N GLN A 287 -2.83 13.86 11.59
CA GLN A 287 -2.42 12.87 10.61
C GLN A 287 -3.68 12.15 10.16
N GLY A 288 -3.71 11.64 8.92
CA GLY A 288 -4.91 11.00 8.45
C GLY A 288 -4.89 10.27 7.12
N VAL A 289 -6.00 9.63 6.80
CA VAL A 289 -6.13 8.85 5.58
C VAL A 289 -7.36 9.30 4.81
N LYS A 290 -7.41 9.01 3.52
CA LYS A 290 -8.61 9.24 2.74
C LYS A 290 -8.94 8.04 1.85
N LEU A 291 -10.22 7.73 1.74
CA LEU A 291 -10.68 6.63 0.90
C LEU A 291 -11.75 7.12 -0.05
N LYS A 292 -11.66 6.76 -1.32
CA LYS A 292 -12.68 7.13 -2.29
C LYS A 292 -13.32 5.86 -2.84
N PHE A 293 -14.65 5.82 -2.84
CA PHE A 293 -15.36 4.59 -3.19
C PHE A 293 -15.89 4.62 -4.63
N ASP A 294 -16.42 3.48 -5.06
CA ASP A 294 -16.88 3.31 -6.44
C ASP A 294 -18.01 4.25 -6.82
N ASP A 295 -18.77 4.71 -5.84
CA ASP A 295 -19.83 5.69 -6.08
C ASP A 295 -19.28 7.10 -6.10
N PHE A 296 -17.95 7.21 -6.18
CA PHE A 296 -17.22 8.47 -6.20
C PHE A 296 -17.34 9.28 -4.91
N GLN A 297 -18.06 8.72 -3.93
CA GLN A 297 -18.13 9.32 -2.61
C GLN A 297 -16.83 9.04 -1.89
N GLN A 298 -16.38 9.96 -1.05
CA GLN A 298 -15.13 9.77 -0.34
C GLN A 298 -15.24 10.13 1.14
N THR A 299 -14.32 9.59 1.93
CA THR A 299 -14.27 9.88 3.35
C THR A 299 -12.83 10.11 3.81
N THR A 300 -12.68 11.00 4.80
CA THR A 300 -11.38 11.29 5.38
C THR A 300 -11.41 11.01 6.86
N GLN A 301 -10.31 10.45 7.38
CA GLN A 301 -10.20 10.21 8.80
C GLN A 301 -8.88 10.76 9.32
N GLU A 302 -8.96 11.88 10.05
CA GLU A 302 -7.79 12.51 10.63
C GLU A 302 -7.90 12.58 12.15
N HIS A 303 -6.76 12.71 12.80
CA HIS A 303 -6.73 12.85 14.24
C HIS A 303 -5.54 13.70 14.69
N VAL A 304 -5.68 14.32 15.86
CA VAL A 304 -4.57 15.01 16.50
C VAL A 304 -3.42 14.02 16.66
N TRP A 305 -2.29 14.34 16.05
CA TRP A 305 -1.12 13.48 16.09
C TRP A 305 0.13 14.33 16.15
N PRO A 306 1.14 13.89 16.94
CA PRO A 306 2.32 14.73 17.18
C PRO A 306 3.42 14.58 16.12
N ARG A 307 3.44 13.49 15.36
CA ARG A 307 4.52 13.25 14.41
C ARG A 307 4.19 12.18 13.36
N LEU A 308 4.67 12.39 12.14
CA LEU A 308 4.45 11.43 11.04
C LEU A 308 4.98 10.03 11.34
N ASN A 309 4.08 9.05 11.30
CA ASN A 309 4.47 7.64 11.43
C ASN A 309 3.50 6.71 10.70
N LYS A 310 4.05 5.77 9.95
CA LYS A 310 3.28 4.90 9.07
C LYS A 310 2.25 4.01 9.77
N ALA A 311 2.67 3.41 10.89
CA ALA A 311 1.85 2.45 11.61
C ALA A 311 0.46 2.99 11.97
N ASP A 312 0.43 4.22 12.48
CA ASP A 312 -0.82 4.84 12.89
C ASP A 312 -1.73 5.09 11.69
N LEU A 313 -1.13 5.53 10.58
CA LEU A 313 -1.86 5.71 9.33
C LEU A 313 -2.50 4.40 8.88
N ILE A 314 -1.74 3.31 8.98
CA ILE A 314 -2.25 2.00 8.62
C ILE A 314 -3.42 1.57 9.52
N ALA A 315 -3.29 1.82 10.82
CA ALA A 315 -4.33 1.51 11.78
C ALA A 315 -5.62 2.28 11.48
N THR A 316 -5.47 3.60 11.34
CA THR A 316 -6.60 4.48 11.03
C THR A 316 -7.27 4.08 9.72
N ALA A 317 -6.47 3.72 8.72
CA ALA A 317 -7.00 3.31 7.42
C ALA A 317 -7.75 1.99 7.55
N ARG A 318 -7.28 1.16 8.48
CA ARG A 318 -7.95 -0.10 8.79
C ARG A 318 -9.31 0.17 9.40
N LYS A 319 -9.40 1.17 10.28
CA LYS A 319 -10.68 1.51 10.89
C LYS A 319 -11.64 2.14 9.90
N THR A 320 -11.10 2.97 9.00
CA THR A 320 -11.90 3.62 7.96
C THR A 320 -12.44 2.57 7.01
N TRP A 321 -11.59 1.60 6.67
CA TRP A 321 -11.96 0.50 5.79
C TRP A 321 -13.00 -0.39 6.45
N ASP A 322 -12.84 -0.60 7.76
CA ASP A 322 -13.74 -1.47 8.51
C ASP A 322 -15.12 -0.85 8.74
N GLU A 323 -15.17 0.46 8.87
CA GLU A 323 -16.38 1.13 9.35
C GLU A 323 -17.13 1.94 8.31
N ARG A 324 -16.43 2.47 7.30
CA ARG A 324 -17.06 3.40 6.35
C ARG A 324 -17.13 2.87 4.92
N ARG A 325 -16.44 1.77 4.65
CA ARG A 325 -16.41 1.23 3.30
C ARG A 325 -17.78 0.73 2.88
N GLY A 326 -18.47 0.06 3.78
CA GLY A 326 -19.82 -0.42 3.52
C GLY A 326 -19.90 -1.41 2.36
N GLY A 327 -18.84 -2.17 2.16
CA GLY A 327 -18.80 -3.18 1.12
C GLY A 327 -18.53 -2.61 -0.26
N ARG A 328 -18.29 -1.31 -0.33
CA ARG A 328 -18.02 -0.64 -1.60
C ARG A 328 -16.57 -0.86 -2.04
N GLY A 329 -16.36 -0.87 -3.35
CA GLY A 329 -15.01 -0.94 -3.88
C GLY A 329 -14.31 0.39 -3.71
N VAL A 330 -12.98 0.36 -3.64
CA VAL A 330 -12.20 1.58 -3.45
C VAL A 330 -11.38 1.91 -4.69
N ARG A 331 -11.59 3.10 -5.23
CA ARG A 331 -10.88 3.55 -6.43
C ARG A 331 -9.60 4.32 -6.09
N LEU A 332 -9.58 4.93 -4.90
CA LEU A 332 -8.46 5.79 -4.51
C LEU A 332 -8.06 5.61 -3.05
N VAL A 333 -6.75 5.66 -2.79
CA VAL A 333 -6.24 5.65 -1.41
C VAL A 333 -5.36 6.88 -1.20
N GLY A 334 -5.54 7.55 -0.07
CA GLY A 334 -4.80 8.78 0.19
C GLY A 334 -4.28 8.99 1.60
N LEU A 335 -3.10 9.59 1.70
CA LEU A 335 -2.51 9.94 2.98
C LEU A 335 -2.43 11.46 3.10
N HIS A 336 -2.48 11.99 4.33
CA HIS A 336 -2.55 13.43 4.52
C HIS A 336 -2.03 13.89 5.90
N VAL A 337 -1.30 15.00 5.91
CA VAL A 337 -0.93 15.64 7.18
C VAL A 337 -1.38 17.10 7.15
N THR A 338 -1.23 17.81 8.27
CA THR A 338 -1.85 19.14 8.43
C THR A 338 -0.90 20.24 8.85
N LEU A 339 0.27 19.87 9.35
CA LEU A 339 1.27 20.86 9.75
C LEU A 339 0.86 21.78 10.91
N LEU A 340 1.80 22.60 11.35
CA LEU A 340 1.63 23.48 12.51
C LEU A 340 1.61 24.93 12.02
N ASP A 341 1.56 25.87 12.95
CA ASP A 341 1.05 27.20 12.65
C ASP A 341 2.04 28.28 12.14
N PRO A 342 3.19 28.44 12.79
CA PRO A 342 4.08 29.46 12.23
C PRO A 342 4.98 28.92 11.13
N GLY B 1 36.23 -24.42 14.80
CA GLY B 1 35.07 -24.32 15.65
C GLY B 1 33.78 -24.53 14.89
N SER B 2 33.81 -25.43 13.90
CA SER B 2 32.66 -25.69 13.06
C SER B 2 31.82 -26.84 13.60
N ARG B 3 30.53 -26.61 13.75
CA ARG B 3 29.60 -27.69 14.10
C ARG B 3 29.39 -28.58 12.88
N LYS B 4 28.74 -29.72 13.09
CA LYS B 4 28.35 -30.59 11.99
C LYS B 4 26.86 -30.83 12.06
N ILE B 5 26.10 -30.08 11.26
CA ILE B 5 24.65 -30.09 11.32
C ILE B 5 24.05 -30.94 10.20
N ILE B 6 23.07 -31.76 10.55
CA ILE B 6 22.38 -32.59 9.59
C ILE B 6 20.88 -32.30 9.58
N HIS B 7 20.36 -31.85 8.46
CA HIS B 7 18.92 -31.65 8.32
C HIS B 7 18.29 -32.84 7.60
N VAL B 8 17.47 -33.59 8.31
CA VAL B 8 16.78 -34.74 7.73
C VAL B 8 15.35 -34.34 7.36
N ASP B 9 14.95 -34.71 6.14
CA ASP B 9 13.68 -34.28 5.58
C ASP B 9 13.04 -35.38 4.74
N MET B 10 11.94 -35.95 5.22
CA MET B 10 11.25 -37.02 4.52
C MET B 10 10.71 -36.56 3.17
N ASP B 11 10.80 -37.42 2.17
CA ASP B 11 10.37 -37.10 0.81
C ASP B 11 8.87 -37.27 0.65
N CYS B 12 8.21 -36.23 0.14
CA CYS B 12 6.75 -36.20 -0.07
C CYS B 12 5.98 -36.97 1.01
N PHE B 13 6.28 -36.62 2.25
CA PHE B 13 5.91 -37.40 3.44
C PHE B 13 4.54 -38.09 3.44
N PHE B 14 3.48 -37.30 3.45
CA PHE B 14 2.12 -37.84 3.51
C PHE B 14 1.88 -38.77 2.32
N ALA B 15 2.17 -38.28 1.13
CA ALA B 15 2.03 -39.06 -0.09
C ALA B 15 2.91 -40.30 -0.06
N ALA B 16 4.07 -40.20 0.56
CA ALA B 16 4.98 -41.33 0.68
C ALA B 16 4.36 -42.44 1.53
N VAL B 17 3.78 -42.06 2.67
CA VAL B 17 3.09 -43.02 3.52
C VAL B 17 1.91 -43.66 2.79
N GLU B 18 1.08 -42.81 2.17
CA GLU B 18 -0.10 -43.27 1.46
C GLU B 18 0.24 -44.21 0.30
N MET B 19 1.41 -44.00 -0.32
CA MET B 19 1.85 -44.84 -1.42
C MET B 19 2.48 -46.13 -0.93
N ARG B 20 3.13 -46.06 0.23
CA ARG B 20 3.67 -47.26 0.86
C ARG B 20 2.56 -48.21 1.24
N ASP B 21 1.49 -47.67 1.83
CA ASP B 21 0.38 -48.49 2.30
C ASP B 21 -0.46 -49.06 1.15
N ASN B 22 -0.77 -48.24 0.15
CA ASN B 22 -1.48 -48.71 -1.02
C ASN B 22 -0.67 -48.50 -2.29
N PRO B 23 0.09 -49.53 -2.70
CA PRO B 23 1.02 -49.50 -3.84
C PRO B 23 0.38 -49.04 -5.16
N ALA B 24 -0.95 -49.12 -5.24
CA ALA B 24 -1.65 -48.72 -6.46
C ALA B 24 -1.61 -47.21 -6.70
N LEU B 25 -1.10 -46.48 -5.72
CA LEU B 25 -1.02 -45.03 -5.81
C LEU B 25 0.37 -44.56 -6.23
N ARG B 26 1.25 -45.52 -6.51
CA ARG B 26 2.64 -45.25 -6.81
C ARG B 26 2.84 -44.41 -8.07
N ASP B 27 2.25 -44.84 -9.17
CA ASP B 27 2.52 -44.24 -10.47
C ASP B 27 1.36 -43.39 -11.00
N ILE B 28 0.38 -43.11 -10.16
CA ILE B 28 -0.70 -42.21 -10.52
C ILE B 28 -0.60 -40.93 -9.70
N PRO B 29 -1.03 -39.79 -10.28
CA PRO B 29 -0.98 -38.52 -9.57
C PRO B 29 -1.92 -38.50 -8.36
N ILE B 30 -1.36 -38.52 -7.16
CA ILE B 30 -2.17 -38.42 -5.95
C ILE B 30 -1.79 -37.18 -5.16
N ALA B 31 -2.64 -36.81 -4.20
CA ALA B 31 -2.38 -35.66 -3.35
C ALA B 31 -3.21 -35.70 -2.07
N ILE B 32 -2.59 -35.30 -0.98
CA ILE B 32 -3.32 -35.11 0.27
C ILE B 32 -3.72 -33.64 0.37
N GLY B 33 -5.02 -33.44 0.57
CA GLY B 33 -5.61 -32.11 0.66
C GLY B 33 -7.13 -32.19 0.65
N GLY B 34 -7.79 -31.08 0.96
CA GLY B 34 -9.24 -31.04 1.03
C GLY B 34 -9.89 -30.96 -0.33
N SER B 35 -11.13 -31.42 -0.43
CA SER B 35 -11.86 -31.40 -1.69
C SER B 35 -12.16 -29.96 -2.12
N ARG B 36 -12.49 -29.79 -3.40
CA ARG B 36 -12.86 -28.47 -3.92
C ARG B 36 -14.19 -28.02 -3.32
N GLU B 37 -15.09 -28.97 -3.10
CA GLU B 37 -16.38 -28.70 -2.48
C GLU B 37 -16.17 -28.09 -1.10
N ARG B 38 -15.21 -28.64 -0.37
CA ARG B 38 -14.85 -28.16 0.96
C ARG B 38 -13.99 -26.91 0.91
N ARG B 39 -13.70 -26.45 -0.32
CA ARG B 39 -12.84 -25.29 -0.54
C ARG B 39 -11.46 -25.49 0.07
N GLY B 40 -10.88 -26.65 -0.19
CA GLY B 40 -9.60 -27.00 0.41
C GLY B 40 -8.40 -26.68 -0.47
N VAL B 41 -7.21 -26.99 0.05
CA VAL B 41 -5.98 -26.81 -0.69
C VAL B 41 -5.23 -28.13 -0.72
N ILE B 42 -4.06 -28.13 -1.33
CA ILE B 42 -3.21 -29.31 -1.34
C ILE B 42 -2.23 -29.27 -0.17
N SER B 43 -2.27 -30.30 0.67
CA SER B 43 -1.26 -30.44 1.72
C SER B 43 0.04 -30.86 1.07
N THR B 44 -0.03 -31.89 0.23
CA THR B 44 1.15 -32.31 -0.53
C THR B 44 0.76 -33.20 -1.70
N ALA B 45 1.70 -33.43 -2.62
CA ALA B 45 1.46 -34.28 -3.77
C ALA B 45 2.67 -35.15 -4.06
N ASN B 46 2.44 -36.33 -4.61
CA ASN B 46 3.54 -37.18 -5.04
C ASN B 46 4.12 -36.67 -6.35
N TYR B 47 5.25 -37.23 -6.77
CA TYR B 47 5.94 -36.75 -7.96
C TYR B 47 5.18 -36.80 -9.29
N PRO B 48 4.46 -37.91 -9.57
CA PRO B 48 3.63 -37.92 -10.78
C PRO B 48 2.63 -36.75 -10.81
N ALA B 49 2.12 -36.37 -9.64
CA ALA B 49 1.20 -35.24 -9.54
C ALA B 49 1.94 -33.91 -9.65
N ARG B 50 3.13 -33.83 -9.05
CA ARG B 50 3.96 -32.63 -9.10
C ARG B 50 4.37 -32.31 -10.55
N LYS B 51 4.51 -33.34 -11.37
CA LYS B 51 4.81 -33.17 -12.79
C LYS B 51 3.77 -32.26 -13.48
N PHE B 52 2.52 -32.37 -13.03
CA PHE B 52 1.45 -31.53 -13.57
C PHE B 52 1.52 -30.10 -13.01
N GLY B 53 2.38 -29.91 -12.01
CA GLY B 53 2.53 -28.61 -11.37
C GLY B 53 1.76 -28.49 -10.08
N VAL B 54 1.47 -29.63 -9.44
CA VAL B 54 0.73 -29.63 -8.18
C VAL B 54 1.65 -29.37 -6.99
N ARG B 55 1.53 -28.19 -6.40
CA ARG B 55 2.35 -27.78 -5.28
C ARG B 55 1.54 -27.82 -3.98
N SER B 56 2.24 -27.74 -2.85
CA SER B 56 1.58 -27.60 -1.56
C SER B 56 0.98 -26.21 -1.47
N ALA B 57 0.02 -26.04 -0.56
CA ALA B 57 -0.67 -24.76 -0.35
C ALA B 57 -1.43 -24.25 -1.57
N MET B 58 -1.55 -25.08 -2.59
CA MET B 58 -2.31 -24.71 -3.78
C MET B 58 -3.75 -25.17 -3.65
N PRO B 59 -4.71 -24.28 -3.97
CA PRO B 59 -6.14 -24.61 -3.96
C PRO B 59 -6.43 -25.86 -4.80
N THR B 60 -7.26 -26.74 -4.28
CA THR B 60 -7.58 -28.00 -4.95
C THR B 60 -8.18 -27.76 -6.34
N GLY B 61 -8.86 -26.62 -6.50
CA GLY B 61 -9.42 -26.25 -7.79
C GLY B 61 -8.35 -26.12 -8.86
N MET B 62 -7.31 -25.37 -8.55
CA MET B 62 -6.20 -25.18 -9.49
C MET B 62 -5.45 -26.49 -9.71
N ALA B 63 -5.31 -27.27 -8.64
CA ALA B 63 -4.63 -28.56 -8.70
C ALA B 63 -5.34 -29.51 -9.66
N LEU B 64 -6.67 -29.49 -9.63
CA LEU B 64 -7.47 -30.32 -10.52
C LEU B 64 -7.63 -29.71 -11.90
N ALA B 65 -7.37 -28.41 -12.00
CA ALA B 65 -7.34 -27.75 -13.30
C ALA B 65 -6.06 -28.14 -14.02
N LEU B 66 -5.01 -28.40 -13.24
CA LEU B 66 -3.73 -28.83 -13.79
C LEU B 66 -3.67 -30.34 -13.93
N CYS B 67 -4.36 -31.05 -13.04
CA CYS B 67 -4.33 -32.51 -13.04
C CYS B 67 -5.72 -33.11 -12.83
N PRO B 68 -6.53 -33.17 -13.89
CA PRO B 68 -7.91 -33.71 -13.83
C PRO B 68 -8.01 -35.13 -13.27
N HIS B 69 -6.93 -35.89 -13.34
CA HIS B 69 -6.95 -37.27 -12.85
C HIS B 69 -6.36 -37.38 -11.45
N LEU B 70 -6.28 -36.26 -10.74
CA LEU B 70 -5.71 -36.24 -9.40
C LEU B 70 -6.54 -37.06 -8.41
N THR B 71 -5.93 -38.11 -7.86
CA THR B 71 -6.58 -38.92 -6.83
C THR B 71 -6.40 -38.23 -5.48
N LEU B 72 -7.48 -37.63 -4.97
CA LEU B 72 -7.41 -36.82 -3.76
C LEU B 72 -7.63 -37.64 -2.50
N LEU B 73 -6.64 -37.63 -1.62
CA LEU B 73 -6.71 -38.38 -0.36
C LEU B 73 -6.96 -37.43 0.80
N PRO B 74 -7.74 -37.88 1.80
CA PRO B 74 -8.12 -37.03 2.94
C PRO B 74 -6.99 -36.85 3.95
N GLY B 75 -6.17 -37.89 4.13
CA GLY B 75 -5.09 -37.82 5.09
C GLY B 75 -5.35 -38.69 6.31
N ARG B 76 -4.32 -39.43 6.73
CA ARG B 76 -4.40 -40.26 7.92
C ARG B 76 -3.29 -39.86 8.89
N PHE B 77 -3.56 -38.83 9.70
CA PHE B 77 -2.56 -38.22 10.57
C PHE B 77 -1.78 -39.22 11.44
N ASP B 78 -2.50 -40.12 12.09
CA ASP B 78 -1.88 -41.05 13.06
C ASP B 78 -0.78 -41.91 12.43
N ALA B 79 -0.92 -42.22 11.14
CA ALA B 79 0.12 -42.96 10.42
C ALA B 79 1.36 -42.09 10.26
N TYR B 80 1.14 -40.82 9.96
CA TYR B 80 2.24 -39.87 9.76
C TYR B 80 2.95 -39.62 11.09
N LYS B 81 2.20 -39.66 12.18
CA LYS B 81 2.73 -39.46 13.52
C LYS B 81 3.52 -40.69 13.95
N GLU B 82 3.01 -41.86 13.59
CA GLU B 82 3.71 -43.12 13.84
C GLU B 82 5.06 -43.10 13.14
N ALA B 83 5.03 -42.75 11.86
CA ALA B 83 6.26 -42.62 11.07
C ALA B 83 7.22 -41.63 11.70
N SER B 84 6.69 -40.47 12.08
CA SER B 84 7.50 -39.41 12.70
C SER B 84 8.19 -39.87 13.97
N ASN B 85 7.43 -40.47 14.87
CA ASN B 85 7.98 -41.01 16.11
C ASN B 85 9.04 -42.06 15.84
N HIS B 86 8.81 -42.87 14.81
CA HIS B 86 9.77 -43.88 14.41
C HIS B 86 11.10 -43.25 13.97
N ILE B 87 11.03 -42.26 13.08
CA ILE B 87 12.23 -41.62 12.57
C ILE B 87 12.96 -40.81 13.64
N ARG B 88 12.22 -40.26 14.60
CA ARG B 88 12.84 -39.53 15.71
C ARG B 88 13.53 -40.52 16.65
N GLU B 89 12.92 -41.69 16.81
CA GLU B 89 13.55 -42.77 17.56
C GLU B 89 14.84 -43.20 16.86
N ILE B 90 14.83 -43.14 15.54
CA ILE B 90 16.03 -43.45 14.76
C ILE B 90 17.11 -42.39 14.97
N PHE B 91 16.70 -41.12 15.00
CA PHE B 91 17.63 -40.02 15.24
C PHE B 91 18.25 -40.16 16.64
N SER B 92 17.45 -40.66 17.58
CA SER B 92 17.89 -40.80 18.96
C SER B 92 19.10 -41.73 19.10
N ARG B 93 19.19 -42.69 18.19
CA ARG B 93 20.28 -43.66 18.22
C ARG B 93 21.63 -43.01 17.98
N TYR B 94 21.62 -41.91 17.24
CA TYR B 94 22.86 -41.24 16.82
C TYR B 94 23.23 -40.04 17.67
N THR B 95 22.20 -39.34 18.17
CA THR B 95 22.42 -38.17 19.00
C THR B 95 21.19 -37.85 19.84
N SER B 96 21.39 -37.10 20.92
CA SER B 96 20.28 -36.63 21.74
C SER B 96 20.00 -35.17 21.39
N ARG B 97 20.81 -34.63 20.48
CA ARG B 97 20.66 -33.25 20.03
C ARG B 97 19.76 -33.19 18.81
N ILE B 98 18.46 -33.32 19.04
CA ILE B 98 17.49 -33.39 17.96
C ILE B 98 16.45 -32.28 18.06
N GLU B 99 16.45 -31.38 17.09
CA GLU B 99 15.43 -30.33 17.04
C GLU B 99 14.44 -30.58 15.92
N PRO B 100 13.31 -31.22 16.24
CA PRO B 100 12.25 -31.45 15.24
C PRO B 100 11.50 -30.15 14.96
N LEU B 101 11.16 -29.93 13.69
CA LEU B 101 10.45 -28.73 13.29
C LEU B 101 9.05 -29.09 12.85
N SER B 102 8.85 -30.39 12.62
CA SER B 102 7.57 -30.93 12.19
C SER B 102 7.60 -32.43 12.32
N LEU B 103 6.65 -33.11 11.68
CA LEU B 103 6.61 -34.56 11.71
C LEU B 103 7.78 -35.17 10.93
N ASP B 104 8.13 -34.57 9.81
CA ASP B 104 9.08 -35.17 8.88
C ASP B 104 10.49 -34.58 8.92
N GLU B 105 10.61 -33.36 9.44
CA GLU B 105 11.90 -32.66 9.42
C GLU B 105 12.58 -32.64 10.79
N ALA B 106 13.91 -32.59 10.78
CA ALA B 106 14.67 -32.45 12.03
C ALA B 106 16.11 -31.98 11.83
N TYR B 107 16.59 -31.19 12.79
CA TYR B 107 18.00 -30.82 12.87
C TYR B 107 18.72 -31.76 13.83
N LEU B 108 19.93 -32.17 13.45
CA LEU B 108 20.77 -33.02 14.29
C LEU B 108 22.16 -32.42 14.41
N ASP B 109 22.61 -32.22 15.65
CA ASP B 109 23.97 -31.76 15.90
C ASP B 109 24.85 -32.96 16.22
N VAL B 110 25.58 -33.43 15.21
CA VAL B 110 26.46 -34.58 15.38
C VAL B 110 27.92 -34.16 15.42
N THR B 111 28.18 -32.96 15.93
CA THR B 111 29.54 -32.46 16.08
C THR B 111 30.34 -33.35 17.02
N ASP B 112 29.74 -33.68 18.16
CA ASP B 112 30.37 -34.56 19.13
C ASP B 112 29.89 -36.00 18.97
N SER B 113 29.75 -36.43 17.71
CA SER B 113 29.32 -37.79 17.43
C SER B 113 30.51 -38.74 17.41
N VAL B 114 30.24 -40.04 17.30
CA VAL B 114 31.27 -41.05 17.42
C VAL B 114 30.97 -42.24 16.51
N HIS B 115 29.76 -42.25 15.95
CA HIS B 115 29.27 -43.40 15.20
C HIS B 115 30.08 -43.72 13.94
N CYS B 116 29.93 -42.89 12.91
CA CYS B 116 30.61 -43.13 11.64
C CYS B 116 31.93 -42.38 11.55
N HIS B 117 32.76 -42.51 12.58
CA HIS B 117 34.06 -41.83 12.63
C HIS B 117 33.92 -40.32 12.47
N GLY B 118 32.84 -39.76 13.04
CA GLY B 118 32.58 -38.34 12.97
C GLY B 118 32.26 -37.85 11.58
N SER B 119 31.88 -38.77 10.69
CA SER B 119 31.50 -38.41 9.33
C SER B 119 30.02 -38.12 9.26
N ALA B 120 29.67 -36.83 9.22
CA ALA B 120 28.28 -36.40 9.14
C ALA B 120 27.61 -36.94 7.89
N THR B 121 28.38 -37.03 6.80
CA THR B 121 27.90 -37.60 5.55
C THR B 121 27.47 -39.05 5.75
N LEU B 122 28.37 -39.85 6.30
CA LEU B 122 28.12 -41.26 6.55
C LEU B 122 26.96 -41.45 7.54
N ILE B 123 26.85 -40.55 8.50
CA ILE B 123 25.78 -40.61 9.49
C ILE B 123 24.41 -40.38 8.82
N ALA B 124 24.31 -39.28 8.08
CA ALA B 124 23.08 -38.95 7.36
C ALA B 124 22.70 -40.09 6.41
N GLN B 125 23.70 -40.66 5.76
CA GLN B 125 23.52 -41.81 4.90
C GLN B 125 22.91 -42.97 5.67
N GLU B 126 23.46 -43.20 6.86
CA GLU B 126 23.08 -44.33 7.68
C GLU B 126 21.78 -44.06 8.45
N ILE B 127 21.24 -42.86 8.28
CA ILE B 127 19.92 -42.55 8.82
C ILE B 127 18.87 -42.70 7.72
N ARG B 128 19.18 -42.18 6.54
CA ARG B 128 18.29 -42.35 5.39
C ARG B 128 18.09 -43.83 5.09
N GLN B 129 19.20 -44.57 4.98
CA GLN B 129 19.10 -46.01 5.06
C GLN B 129 18.86 -46.24 6.54
N THR B 130 18.04 -47.24 6.88
CA THR B 130 17.49 -47.45 8.23
C THR B 130 16.15 -46.71 8.41
N ILE B 131 15.97 -45.60 7.70
CA ILE B 131 14.62 -45.04 7.54
C ILE B 131 13.89 -45.79 6.42
N PHE B 132 14.57 -45.93 5.27
CA PHE B 132 14.04 -46.77 4.20
C PHE B 132 13.88 -48.20 4.70
N ASN B 133 14.82 -48.66 5.51
CA ASN B 133 14.71 -49.90 6.23
C ASN B 133 13.76 -49.59 7.38
N GLU B 134 13.12 -50.58 8.01
CA GLU B 134 12.14 -50.29 9.05
C GLU B 134 10.88 -49.51 8.59
N LEU B 135 11.06 -48.34 7.96
CA LEU B 135 9.86 -47.57 7.60
C LEU B 135 9.38 -47.71 6.16
N GLN B 136 10.29 -48.06 5.25
CA GLN B 136 9.96 -48.16 3.82
C GLN B 136 9.50 -46.84 3.21
N LEU B 137 9.89 -45.74 3.84
CA LEU B 137 9.77 -44.42 3.23
C LEU B 137 11.18 -43.92 2.97
N THR B 138 11.33 -42.96 2.07
CA THR B 138 12.64 -42.42 1.78
C THR B 138 12.84 -41.05 2.43
N ALA B 139 14.09 -40.68 2.65
CA ALA B 139 14.42 -39.39 3.22
C ALA B 139 15.55 -38.73 2.45
N SER B 140 15.56 -37.40 2.46
CA SER B 140 16.66 -36.63 1.90
C SER B 140 17.36 -35.91 3.04
N ALA B 141 18.63 -35.57 2.85
CA ALA B 141 19.40 -34.96 3.93
C ALA B 141 20.40 -33.89 3.47
N GLY B 142 20.60 -32.91 4.32
CA GLY B 142 21.59 -31.88 4.09
C GLY B 142 22.63 -31.89 5.18
N VAL B 143 23.89 -31.64 4.82
CA VAL B 143 24.96 -31.56 5.80
C VAL B 143 25.73 -30.25 5.64
N ALA B 144 25.89 -29.52 6.74
CA ALA B 144 26.50 -28.20 6.70
C ALA B 144 27.01 -27.78 8.08
N PRO B 145 27.92 -26.80 8.13
CA PRO B 145 28.38 -26.29 9.42
C PRO B 145 27.27 -25.63 10.23
N VAL B 146 26.27 -25.09 9.55
CA VAL B 146 25.17 -24.39 10.23
C VAL B 146 23.79 -24.90 9.81
N LYS B 147 22.76 -24.37 10.45
CA LYS B 147 21.38 -24.84 10.24
C LYS B 147 20.83 -24.60 8.84
N PHE B 148 20.68 -23.33 8.47
CA PHE B 148 19.98 -22.96 7.23
C PHE B 148 20.65 -23.56 5.99
N LEU B 149 21.97 -23.70 6.03
CA LEU B 149 22.69 -24.30 4.91
C LEU B 149 22.39 -25.79 4.81
N ALA B 150 22.24 -26.45 5.95
CA ALA B 150 21.88 -27.87 5.97
C ALA B 150 20.44 -28.03 5.46
N LYS B 151 19.57 -27.11 5.87
CA LYS B 151 18.19 -27.07 5.39
C LYS B 151 18.12 -26.96 3.87
N ILE B 152 18.83 -25.97 3.34
CA ILE B 152 18.88 -25.75 1.91
C ILE B 152 19.47 -26.97 1.19
N ALA B 153 20.51 -27.55 1.78
CA ALA B 153 21.19 -28.70 1.21
C ALA B 153 20.28 -29.92 1.12
N SER B 154 19.38 -30.07 2.10
CA SER B 154 18.46 -31.20 2.10
C SER B 154 17.51 -31.17 0.91
N ASP B 155 17.15 -29.96 0.48
CA ASP B 155 16.26 -29.77 -0.66
C ASP B 155 16.95 -30.04 -1.99
N MET B 156 18.27 -29.97 -2.00
CA MET B 156 19.05 -29.94 -3.24
C MET B 156 19.24 -31.28 -3.95
N ASN B 157 18.95 -32.39 -3.26
CA ASN B 157 19.11 -33.71 -3.87
C ASN B 157 17.91 -34.61 -3.65
N LYS B 158 16.72 -34.01 -3.59
CA LYS B 158 15.49 -34.77 -3.42
C LYS B 158 15.05 -35.38 -4.74
N PRO B 159 14.42 -36.57 -4.69
CA PRO B 159 14.17 -37.34 -3.47
C PRO B 159 15.26 -38.37 -3.22
N ASN B 160 15.32 -38.89 -2.00
CA ASN B 160 16.22 -39.98 -1.65
C ASN B 160 17.69 -39.68 -1.94
N GLY B 161 18.13 -38.49 -1.53
CA GLY B 161 19.51 -38.09 -1.75
C GLY B 161 20.04 -37.13 -0.72
N GLN B 162 21.36 -36.97 -0.70
CA GLN B 162 22.01 -36.05 0.25
C GLN B 162 22.73 -34.93 -0.47
N PHE B 163 23.02 -33.86 0.25
CA PHE B 163 23.93 -32.84 -0.24
C PHE B 163 24.77 -32.27 0.90
N VAL B 164 26.06 -32.18 0.68
CA VAL B 164 26.98 -31.72 1.72
C VAL B 164 27.66 -30.41 1.34
N ILE B 165 27.68 -29.48 2.27
CA ILE B 165 28.43 -28.24 2.11
C ILE B 165 29.52 -28.17 3.18
N THR B 166 30.76 -28.10 2.74
CA THR B 166 31.89 -27.98 3.66
C THR B 166 32.26 -26.51 3.80
N PRO B 167 32.91 -26.14 4.93
CA PRO B 167 33.33 -24.75 5.17
C PRO B 167 34.10 -24.14 4.01
N ALA B 168 34.79 -24.97 3.22
CA ALA B 168 35.54 -24.47 2.07
C ALA B 168 34.62 -24.17 0.89
N GLU B 169 33.49 -24.88 0.82
CA GLU B 169 32.55 -24.70 -0.28
C GLU B 169 31.56 -23.57 -0.02
N VAL B 170 31.55 -23.07 1.22
CA VAL B 170 30.56 -22.08 1.64
C VAL B 170 30.51 -20.77 0.82
N PRO B 171 31.65 -20.08 0.63
CA PRO B 171 31.58 -18.78 -0.05
C PRO B 171 31.04 -18.85 -1.48
N ALA B 172 31.53 -19.82 -2.26
CA ALA B 172 31.09 -20.01 -3.63
C ALA B 172 29.60 -20.35 -3.67
N PHE B 173 29.15 -21.14 -2.70
CA PHE B 173 27.74 -21.48 -2.58
C PHE B 173 26.90 -20.25 -2.29
N LEU B 174 27.43 -19.38 -1.44
CA LEU B 174 26.72 -18.18 -1.02
C LEU B 174 26.61 -17.14 -2.13
N GLN B 175 27.65 -17.06 -2.97
CA GLN B 175 27.72 -16.04 -4.02
C GLN B 175 26.48 -16.00 -4.93
N THR B 176 25.98 -17.17 -5.31
CA THR B 176 24.84 -17.25 -6.22
C THR B 176 23.57 -17.75 -5.53
N LEU B 177 23.63 -17.89 -4.20
CA LEU B 177 22.48 -18.35 -3.44
C LEU B 177 21.41 -17.27 -3.36
N PRO B 178 20.25 -17.51 -3.97
CA PRO B 178 19.15 -16.55 -3.97
C PRO B 178 18.60 -16.37 -2.55
N LEU B 179 18.31 -15.13 -2.17
CA LEU B 179 17.79 -14.83 -0.84
C LEU B 179 16.54 -15.65 -0.53
N ALA B 180 15.66 -15.76 -1.53
CA ALA B 180 14.40 -16.49 -1.40
C ALA B 180 14.57 -17.94 -0.92
N LYS B 181 15.77 -18.48 -1.11
CA LYS B 181 16.06 -19.86 -0.71
C LYS B 181 16.37 -19.96 0.80
N ILE B 182 16.63 -18.82 1.42
CA ILE B 182 16.89 -18.77 2.86
C ILE B 182 15.60 -18.92 3.65
N PRO B 183 15.57 -19.88 4.59
CA PRO B 183 14.40 -20.07 5.46
C PRO B 183 14.09 -18.81 6.25
N GLY B 184 12.89 -18.28 6.07
CA GLY B 184 12.49 -17.08 6.79
C GLY B 184 12.17 -15.92 5.87
N VAL B 185 12.60 -16.01 4.61
CA VAL B 185 12.23 -14.99 3.64
C VAL B 185 11.31 -15.58 2.57
N GLY B 186 10.19 -14.90 2.36
CA GLY B 186 9.18 -15.38 1.43
C GLY B 186 8.90 -14.35 0.36
N LYS B 187 7.77 -14.52 -0.32
CA LYS B 187 7.40 -13.69 -1.46
C LYS B 187 7.48 -12.19 -1.16
N VAL B 188 6.89 -11.79 -0.03
CA VAL B 188 6.85 -10.38 0.35
C VAL B 188 8.25 -9.80 0.52
N SER B 189 9.05 -10.46 1.35
CA SER B 189 10.41 -9.99 1.61
C SER B 189 11.32 -10.15 0.39
N ALA B 190 11.16 -11.25 -0.34
CA ALA B 190 12.00 -11.50 -1.51
C ALA B 190 11.73 -10.49 -2.62
N ALA B 191 10.48 -10.06 -2.75
CA ALA B 191 10.10 -9.07 -3.76
C ALA B 191 10.44 -7.66 -3.29
N LYS B 192 10.38 -7.46 -1.98
CA LYS B 192 10.81 -6.20 -1.38
C LYS B 192 12.31 -6.02 -1.63
N LEU B 193 13.04 -7.13 -1.55
CA LEU B 193 14.48 -7.15 -1.72
C LEU B 193 14.87 -7.08 -3.20
N GLU B 194 14.05 -7.68 -4.05
CA GLU B 194 14.31 -7.70 -5.48
C GLU B 194 14.22 -6.29 -6.05
N ALA B 195 13.35 -5.48 -5.46
CA ALA B 195 13.12 -4.12 -5.95
C ALA B 195 14.07 -3.09 -5.36
N MET B 196 15.03 -3.56 -4.57
CA MET B 196 16.12 -2.69 -4.12
C MET B 196 17.45 -3.21 -4.64
N GLY B 197 17.38 -4.20 -5.53
CA GLY B 197 18.55 -4.72 -6.20
C GLY B 197 19.10 -6.01 -5.62
N LEU B 198 18.53 -6.46 -4.52
CA LEU B 198 19.03 -7.66 -3.84
C LEU B 198 18.32 -8.93 -4.30
N ARG B 199 19.09 -9.89 -4.76
CA ARG B 199 18.55 -11.17 -5.21
C ARG B 199 19.31 -12.34 -4.60
N THR B 200 20.62 -12.19 -4.50
CA THR B 200 21.46 -13.25 -3.95
C THR B 200 22.12 -12.83 -2.64
N CYS B 201 22.72 -13.78 -1.94
CA CYS B 201 23.45 -13.50 -0.73
C CYS B 201 24.67 -12.63 -1.05
N GLY B 202 25.25 -12.87 -2.22
CA GLY B 202 26.39 -12.11 -2.68
C GLY B 202 26.08 -10.63 -2.82
N ASP B 203 24.85 -10.32 -3.20
CA ASP B 203 24.41 -8.94 -3.31
C ASP B 203 24.32 -8.27 -1.93
N VAL B 204 23.87 -9.05 -0.95
CA VAL B 204 23.75 -8.55 0.42
C VAL B 204 25.13 -8.37 1.05
N GLN B 205 26.08 -9.20 0.64
CA GLN B 205 27.45 -9.09 1.10
C GLN B 205 28.07 -7.75 0.73
N ALA B 206 27.52 -7.12 -0.31
CA ALA B 206 27.98 -5.81 -0.75
C ALA B 206 27.08 -4.70 -0.22
N CYS B 207 26.30 -5.01 0.83
CA CYS B 207 25.37 -4.04 1.39
C CYS B 207 25.76 -3.61 2.81
N ASP B 208 25.29 -2.43 3.19
CA ASP B 208 25.56 -1.88 4.52
C ASP B 208 24.58 -2.45 5.54
N LEU B 209 25.12 -2.94 6.66
CA LEU B 209 24.31 -3.51 7.71
C LEU B 209 23.36 -2.49 8.33
N VAL B 210 23.83 -1.24 8.42
CA VAL B 210 23.05 -0.18 9.04
C VAL B 210 21.79 0.11 8.24
N MET B 211 21.89 0.11 6.92
CA MET B 211 20.74 0.30 6.06
C MET B 211 19.77 -0.87 6.19
N LEU B 212 20.33 -2.07 6.23
CA LEU B 212 19.56 -3.30 6.36
C LEU B 212 18.75 -3.30 7.66
N LEU B 213 19.34 -2.75 8.71
CA LEU B 213 18.68 -2.63 10.01
C LEU B 213 17.63 -1.53 9.98
N LYS B 214 17.95 -0.41 9.36
CA LYS B 214 17.02 0.70 9.23
C LYS B 214 15.83 0.36 8.35
N ARG B 215 15.97 -0.69 7.54
CA ARG B 215 14.94 -1.06 6.58
C ARG B 215 14.11 -2.26 7.02
N PHE B 216 14.77 -3.25 7.63
CA PHE B 216 14.12 -4.51 7.95
C PHE B 216 14.17 -4.88 9.42
N GLY B 217 14.88 -4.07 10.22
CA GLY B 217 15.04 -4.36 11.63
C GLY B 217 15.93 -5.56 11.86
N LYS B 218 15.56 -6.41 12.83
CA LYS B 218 16.34 -7.61 13.14
C LYS B 218 16.42 -8.56 11.94
N PHE B 219 15.38 -8.52 11.11
CA PHE B 219 15.35 -9.31 9.87
C PHE B 219 16.51 -8.93 8.95
N GLY B 220 16.88 -7.66 8.96
CA GLY B 220 18.01 -7.19 8.17
C GLY B 220 19.32 -7.78 8.65
N ARG B 221 19.50 -7.81 9.97
CA ARG B 221 20.69 -8.39 10.57
C ARG B 221 20.78 -9.88 10.26
N ILE B 222 19.65 -10.57 10.44
CA ILE B 222 19.58 -12.00 10.12
C ILE B 222 19.98 -12.24 8.68
N LEU B 223 19.37 -11.48 7.78
CA LEU B 223 19.65 -11.56 6.36
C LEU B 223 21.13 -11.38 6.06
N TRP B 224 21.71 -10.33 6.62
CA TRP B 224 23.13 -10.01 6.46
C TRP B 224 24.01 -11.18 6.91
N GLU B 225 23.73 -11.68 8.11
CA GLU B 225 24.50 -12.79 8.68
C GLU B 225 24.41 -14.07 7.85
N ARG B 226 23.21 -14.42 7.42
CA ARG B 226 23.02 -15.59 6.57
C ARG B 226 23.79 -15.42 5.27
N SER B 227 23.78 -14.19 4.74
CA SER B 227 24.53 -13.88 3.53
C SER B 227 26.03 -14.01 3.76
N GLN B 228 26.45 -13.80 5.00
CA GLN B 228 27.85 -14.01 5.38
C GLN B 228 28.10 -15.48 5.69
N GLY B 229 27.03 -16.26 5.72
CA GLY B 229 27.12 -17.66 6.06
C GLY B 229 27.08 -17.88 7.56
N ILE B 230 26.74 -16.81 8.28
CA ILE B 230 26.70 -16.86 9.74
C ILE B 230 25.34 -17.29 10.26
N ASP B 231 25.34 -18.39 11.00
CA ASP B 231 24.12 -18.90 11.63
C ASP B 231 24.49 -19.60 12.93
N GLU B 232 24.58 -18.82 14.00
CA GLU B 232 25.03 -19.33 15.29
C GLU B 232 23.90 -19.97 16.09
N ARG B 233 22.72 -20.08 15.49
CA ARG B 233 21.59 -20.72 16.14
C ARG B 233 21.91 -22.16 16.49
N ASP B 234 21.74 -22.52 17.76
CA ASP B 234 22.07 -23.86 18.23
C ASP B 234 20.85 -24.77 18.16
N VAL B 235 21.09 -26.06 17.91
CA VAL B 235 20.05 -27.07 17.93
C VAL B 235 19.48 -27.17 19.34
N ASN B 236 18.16 -26.99 19.47
CA ASN B 236 17.54 -26.84 20.78
C ASN B 236 17.15 -28.14 21.48
N SER B 237 16.19 -28.85 20.90
CA SER B 237 15.63 -30.10 21.45
C SER B 237 14.82 -29.90 22.73
N GLU B 238 14.83 -28.68 23.28
CA GLU B 238 14.09 -28.39 24.50
C GLU B 238 12.88 -27.49 24.24
N ARG B 239 12.56 -27.28 22.96
CA ARG B 239 11.45 -26.40 22.60
C ARG B 239 10.10 -27.00 22.96
N LEU B 240 9.23 -26.18 23.54
CA LEU B 240 7.87 -26.57 23.88
C LEU B 240 6.89 -25.71 23.10
N ARG B 241 5.71 -26.25 22.78
CA ARG B 241 4.72 -25.47 22.04
C ARG B 241 4.05 -24.46 22.94
N LYS B 242 3.56 -23.37 22.34
CA LYS B 242 3.06 -22.24 23.11
C LYS B 242 1.56 -22.01 22.98
N SER B 243 0.93 -22.65 22.00
CA SER B 243 -0.48 -22.39 21.73
C SER B 243 -1.22 -23.59 21.18
N VAL B 244 -2.54 -23.60 21.38
CA VAL B 244 -3.40 -24.64 20.80
C VAL B 244 -4.59 -23.97 20.13
N GLY B 245 -4.78 -24.24 18.85
CA GLY B 245 -5.88 -23.65 18.10
C GLY B 245 -6.69 -24.67 17.33
N VAL B 246 -7.97 -24.36 17.10
CA VAL B 246 -8.85 -25.22 16.30
C VAL B 246 -9.73 -24.35 15.42
N GLU B 247 -9.61 -24.52 14.10
CA GLU B 247 -10.38 -23.68 13.19
C GLU B 247 -11.02 -24.48 12.05
N ARG B 248 -12.12 -23.95 11.52
CA ARG B 248 -12.79 -24.60 10.40
C ARG B 248 -13.20 -23.62 9.33
N THR B 249 -12.90 -23.98 8.08
CA THR B 249 -13.39 -23.25 6.92
C THR B 249 -14.58 -24.00 6.34
N MET B 250 -15.72 -23.34 6.28
CA MET B 250 -16.95 -23.96 5.79
C MET B 250 -16.98 -24.00 4.26
N ALA B 251 -17.73 -24.96 3.72
CA ALA B 251 -17.86 -25.13 2.28
C ALA B 251 -18.52 -23.90 1.66
N GLU B 252 -19.50 -23.35 2.38
CA GLU B 252 -20.15 -22.12 1.96
C GLU B 252 -20.10 -21.08 3.08
N ASP B 253 -19.94 -19.82 2.72
CA ASP B 253 -19.84 -18.74 3.70
C ASP B 253 -21.09 -18.67 4.57
N ILE B 254 -20.96 -18.04 5.74
CA ILE B 254 -22.10 -17.86 6.63
C ILE B 254 -22.33 -16.38 6.90
N HIS B 255 -23.59 -15.99 7.07
CA HIS B 255 -23.94 -14.59 7.25
C HIS B 255 -24.79 -14.40 8.51
N HIS B 256 -25.18 -15.52 9.12
CA HIS B 256 -26.00 -15.47 10.32
C HIS B 256 -25.25 -15.95 11.56
N TRP B 257 -25.44 -15.27 12.68
CA TRP B 257 -24.74 -15.61 13.91
C TRP B 257 -25.09 -17.00 14.42
N SER B 258 -26.34 -17.40 14.25
CA SER B 258 -26.79 -18.73 14.65
C SER B 258 -25.89 -19.82 14.07
N GLU B 259 -25.45 -19.61 12.84
CA GLU B 259 -24.53 -20.52 12.16
C GLU B 259 -23.16 -20.53 12.83
N CYS B 260 -22.59 -19.34 13.03
CA CYS B 260 -21.29 -19.20 13.68
C CYS B 260 -21.26 -19.89 15.02
N GLU B 261 -22.28 -19.61 15.84
CA GLU B 261 -22.47 -20.25 17.13
C GLU B 261 -22.59 -21.77 16.98
N ALA B 262 -23.39 -22.20 16.02
CA ALA B 262 -23.60 -23.62 15.77
C ALA B 262 -22.28 -24.33 15.47
N ILE B 263 -21.37 -23.61 14.82
CA ILE B 263 -20.06 -24.17 14.48
C ILE B 263 -19.12 -24.16 15.69
N ILE B 264 -19.12 -23.07 16.44
CA ILE B 264 -18.30 -22.97 17.65
C ILE B 264 -18.65 -24.09 18.63
N GLU B 265 -19.94 -24.41 18.71
CA GLU B 265 -20.43 -25.52 19.52
C GLU B 265 -19.75 -26.83 19.14
N ARG B 266 -19.42 -26.97 17.86
CA ARG B 266 -18.75 -28.17 17.37
C ARG B 266 -17.23 -28.07 17.52
N LEU B 267 -16.74 -26.84 17.55
CA LEU B 267 -15.30 -26.60 17.65
C LEU B 267 -14.76 -26.80 19.06
N TYR B 268 -15.53 -26.35 20.05
CA TYR B 268 -15.07 -26.38 21.45
C TYR B 268 -14.62 -27.74 22.01
N PRO B 269 -15.42 -28.81 21.81
CA PRO B 269 -14.98 -30.10 22.33
C PRO B 269 -13.63 -30.53 21.77
N GLU B 270 -13.36 -30.15 20.52
CA GLU B 270 -12.09 -30.48 19.88
C GLU B 270 -10.93 -29.75 20.54
N LEU B 271 -11.08 -28.44 20.72
CA LEU B 271 -10.06 -27.62 21.39
C LEU B 271 -9.83 -28.12 22.82
N GLU B 272 -10.90 -28.59 23.45
CA GLU B 272 -10.85 -29.09 24.82
C GLU B 272 -10.12 -30.44 24.90
N ARG B 273 -10.34 -31.27 23.89
CA ARG B 273 -9.71 -32.58 23.84
C ARG B 273 -8.20 -32.46 23.59
N ARG B 274 -7.83 -31.49 22.78
CA ARG B 274 -6.42 -31.27 22.44
C ARG B 274 -5.66 -30.63 23.59
N LEU B 275 -6.29 -29.67 24.26
CA LEU B 275 -5.66 -28.96 25.37
C LEU B 275 -5.43 -29.89 26.55
N ALA B 276 -6.37 -30.81 26.76
CA ALA B 276 -6.31 -31.74 27.88
C ALA B 276 -5.20 -32.78 27.73
N LYS B 277 -4.63 -32.87 26.54
CA LYS B 277 -3.50 -33.78 26.29
C LYS B 277 -2.20 -33.18 26.81
N VAL B 278 -2.15 -31.85 26.85
CA VAL B 278 -0.94 -31.14 27.27
C VAL B 278 -1.17 -30.45 28.62
N LYS B 279 -2.42 -30.13 28.91
CA LYS B 279 -2.78 -29.47 30.16
C LYS B 279 -4.17 -29.93 30.60
N PRO B 280 -4.24 -31.08 31.30
CA PRO B 280 -5.48 -31.72 31.72
C PRO B 280 -6.41 -30.81 32.54
N ASP B 281 -5.84 -29.98 33.40
CA ASP B 281 -6.65 -29.09 34.22
C ASP B 281 -7.11 -27.86 33.44
N LEU B 282 -6.76 -27.82 32.16
CA LEU B 282 -7.22 -26.78 31.23
C LEU B 282 -6.78 -25.37 31.60
N LEU B 283 -5.83 -25.26 32.53
CA LEU B 283 -5.34 -23.96 32.96
C LEU B 283 -4.48 -23.32 31.87
N ILE B 284 -4.89 -22.13 31.43
CA ILE B 284 -4.24 -21.46 30.32
C ILE B 284 -3.88 -20.02 30.70
N ALA B 285 -3.21 -19.33 29.80
CA ALA B 285 -2.84 -17.94 30.02
C ALA B 285 -3.82 -17.00 29.33
N ARG B 286 -4.16 -17.32 28.09
CA ARG B 286 -5.07 -16.52 27.30
C ARG B 286 -5.99 -17.39 26.47
N GLN B 287 -7.14 -16.87 26.10
CA GLN B 287 -8.02 -17.54 25.14
C GLN B 287 -8.73 -16.52 24.26
N GLY B 288 -9.24 -16.98 23.12
CA GLY B 288 -9.89 -16.09 22.19
C GLY B 288 -10.36 -16.75 20.91
N VAL B 289 -10.73 -15.91 19.94
CA VAL B 289 -11.31 -16.41 18.69
C VAL B 289 -10.73 -15.73 17.45
N LYS B 290 -11.00 -16.33 16.29
CA LYS B 290 -10.61 -15.76 15.02
C LYS B 290 -11.75 -15.83 14.01
N LEU B 291 -11.97 -14.73 13.29
CA LEU B 291 -12.95 -14.70 12.21
C LEU B 291 -12.28 -14.41 10.88
N LYS B 292 -12.65 -15.18 9.85
CA LYS B 292 -12.10 -15.01 8.51
C LYS B 292 -13.24 -14.79 7.51
N PHE B 293 -13.15 -13.69 6.77
CA PHE B 293 -14.27 -13.27 5.93
C PHE B 293 -14.18 -13.72 4.48
N ASP B 294 -15.13 -13.28 3.67
CA ASP B 294 -15.18 -13.64 2.25
C ASP B 294 -14.10 -12.91 1.45
N ASP B 295 -13.73 -11.72 1.92
CA ASP B 295 -12.69 -10.93 1.27
C ASP B 295 -11.30 -11.41 1.69
N PHE B 296 -11.29 -12.47 2.50
CA PHE B 296 -10.07 -13.16 2.94
C PHE B 296 -9.26 -12.40 3.99
N GLN B 297 -9.82 -11.31 4.51
CA GLN B 297 -9.22 -10.64 5.65
C GLN B 297 -9.50 -11.51 6.87
N GLN B 298 -8.79 -11.27 7.96
CA GLN B 298 -9.08 -12.00 9.20
C GLN B 298 -8.80 -11.16 10.44
N THR B 299 -9.45 -11.51 11.54
CA THR B 299 -9.23 -10.79 12.79
C THR B 299 -9.27 -11.74 13.99
N THR B 300 -8.53 -11.38 15.03
CA THR B 300 -8.46 -12.20 16.24
C THR B 300 -8.80 -11.38 17.47
N GLN B 301 -9.53 -11.98 18.41
CA GLN B 301 -9.79 -11.33 19.68
C GLN B 301 -9.40 -12.27 20.80
N GLU B 302 -8.33 -11.91 21.50
CA GLU B 302 -7.76 -12.77 22.53
C GLU B 302 -7.51 -11.98 23.81
N HIS B 303 -7.90 -12.57 24.94
CA HIS B 303 -7.71 -11.91 26.23
C HIS B 303 -7.16 -12.88 27.26
N VAL B 304 -6.60 -12.36 28.35
CA VAL B 304 -6.16 -13.24 29.43
C VAL B 304 -7.37 -13.94 30.04
N TRP B 305 -7.16 -15.17 30.49
CA TRP B 305 -8.25 -16.02 30.94
C TRP B 305 -7.61 -17.28 31.51
N PRO B 306 -8.00 -17.66 32.73
CA PRO B 306 -7.28 -18.70 33.46
C PRO B 306 -7.62 -20.14 33.08
N ARG B 307 -8.76 -20.36 32.44
CA ARG B 307 -9.22 -21.73 32.18
C ARG B 307 -10.15 -21.81 30.98
N LEU B 308 -9.86 -22.77 30.09
CA LEU B 308 -10.62 -22.98 28.86
C LEU B 308 -12.13 -22.94 29.09
N ASN B 309 -12.75 -21.83 28.70
CA ASN B 309 -14.18 -21.64 28.93
C ASN B 309 -14.92 -21.37 27.63
N LYS B 310 -16.11 -21.96 27.50
CA LYS B 310 -16.84 -22.00 26.24
C LYS B 310 -17.76 -20.79 26.00
N ALA B 311 -18.42 -20.31 27.05
CA ALA B 311 -19.39 -19.22 26.93
C ALA B 311 -18.72 -17.87 26.70
N ASP B 312 -17.49 -17.74 27.16
CA ASP B 312 -16.69 -16.53 26.95
C ASP B 312 -16.13 -16.51 25.53
N LEU B 313 -15.95 -17.69 24.96
CA LEU B 313 -15.52 -17.80 23.58
C LEU B 313 -16.71 -17.52 22.66
N ILE B 314 -17.87 -18.03 23.03
CA ILE B 314 -19.10 -17.75 22.30
C ILE B 314 -19.44 -16.26 22.38
N ALA B 315 -19.26 -15.68 23.57
CA ALA B 315 -19.52 -14.26 23.80
C ALA B 315 -18.54 -13.40 23.03
N THR B 316 -17.25 -13.72 23.14
CA THR B 316 -16.21 -12.98 22.45
C THR B 316 -16.41 -13.06 20.94
N ALA B 317 -16.86 -14.21 20.47
CA ALA B 317 -17.10 -14.41 19.04
C ALA B 317 -18.34 -13.67 18.57
N ARG B 318 -19.34 -13.55 19.43
CA ARG B 318 -20.54 -12.79 19.11
C ARG B 318 -20.19 -11.31 19.01
N LYS B 319 -19.43 -10.84 19.99
CA LYS B 319 -18.96 -9.46 20.04
C LYS B 319 -18.13 -9.14 18.80
N THR B 320 -17.17 -10.01 18.49
CA THR B 320 -16.34 -9.86 17.31
C THR B 320 -17.22 -9.83 16.05
N TRP B 321 -18.16 -10.76 16.00
CA TRP B 321 -19.08 -10.90 14.86
C TRP B 321 -19.83 -9.60 14.61
N ASP B 322 -20.39 -9.00 15.67
CA ASP B 322 -21.15 -7.77 15.52
C ASP B 322 -20.25 -6.57 15.20
N GLU B 323 -19.07 -6.54 15.84
CA GLU B 323 -18.25 -5.32 15.85
C GLU B 323 -17.24 -5.16 14.70
N ARG B 324 -17.07 -6.18 13.87
CA ARG B 324 -16.21 -6.08 12.68
C ARG B 324 -16.41 -7.20 11.66
N ARG B 325 -17.31 -6.95 10.70
CA ARG B 325 -17.52 -7.85 9.56
C ARG B 325 -18.40 -7.17 8.51
N GLY B 326 -19.14 -6.16 8.95
CA GLY B 326 -19.98 -5.35 8.08
C GLY B 326 -20.77 -6.09 7.01
N GLY B 327 -21.44 -7.18 7.39
CA GLY B 327 -22.26 -7.92 6.47
C GLY B 327 -21.48 -8.76 5.47
N ARG B 328 -20.18 -8.93 5.72
CA ARG B 328 -19.37 -9.82 4.88
C ARG B 328 -19.72 -11.27 5.17
N GLY B 329 -19.62 -12.11 4.15
CA GLY B 329 -19.73 -13.55 4.36
C GLY B 329 -18.54 -14.00 5.18
N VAL B 330 -18.69 -15.12 5.88
CA VAL B 330 -17.62 -15.66 6.70
C VAL B 330 -17.28 -17.10 6.29
N ARG B 331 -16.01 -17.33 5.94
CA ARG B 331 -15.61 -18.66 5.46
C ARG B 331 -15.01 -19.52 6.57
N LEU B 332 -14.30 -18.88 7.50
CA LEU B 332 -13.66 -19.60 8.60
C LEU B 332 -13.99 -19.04 9.98
N VAL B 333 -14.10 -19.94 10.94
CA VAL B 333 -14.19 -19.53 12.34
C VAL B 333 -13.30 -20.45 13.19
N GLY B 334 -12.62 -19.88 14.18
CA GLY B 334 -11.70 -20.65 14.99
C GLY B 334 -11.58 -20.20 16.44
N LEU B 335 -11.26 -21.16 17.30
CA LEU B 335 -10.99 -20.90 18.71
C LEU B 335 -9.49 -21.05 18.96
N HIS B 336 -8.97 -20.27 19.90
CA HIS B 336 -7.53 -20.27 20.16
C HIS B 336 -7.22 -20.20 21.66
N VAL B 337 -6.04 -20.71 22.02
CA VAL B 337 -5.59 -20.73 23.41
C VAL B 337 -4.08 -20.50 23.49
N THR B 338 -3.67 -19.55 24.31
CA THR B 338 -2.26 -19.34 24.60
C THR B 338 -1.90 -20.04 25.90
N LEU B 339 -0.95 -20.97 25.82
CA LEU B 339 -0.56 -21.76 26.98
C LEU B 339 0.17 -20.92 28.03
N LEU B 340 0.13 -21.37 29.27
CA LEU B 340 0.89 -20.75 30.36
C LEU B 340 2.38 -20.87 30.07
N ASP B 341 3.21 -20.15 30.80
CA ASP B 341 4.64 -20.13 30.50
C ASP B 341 5.38 -21.43 30.92
N PRO B 342 6.42 -21.34 31.80
CA PRO B 342 7.58 -22.24 31.69
C PRO B 342 7.32 -23.62 31.07
OP2 RDG C 5 -5.98 10.06 -7.61
P RDG C 5 -4.79 10.29 -8.62
OP1 RDG C 5 -4.01 9.01 -8.84
O5' RDG C 5 -3.88 11.44 -8.10
C5' RDG C 5 -3.10 12.21 -8.98
C4' RDG C 5 -2.57 13.42 -8.48
C3' RDG C 5 -2.58 13.43 -7.01
O3' RDG C 5 -1.45 14.03 -6.56
C2' RDG C 5 -3.71 14.27 -6.64
C1' RDG C 5 -3.76 15.25 -7.77
O4' RDG C 5 -3.39 14.53 -8.91
N9 RDG C 5 -5.05 15.84 -7.87
C4 RDG C 5 -5.31 17.15 -8.32
N3 RDG C 5 -4.47 18.15 -8.80
C2 RDG C 5 -5.00 19.34 -9.18
N1 RDG C 5 -6.35 19.58 -9.14
C6 RDG C 5 -7.22 18.62 -8.69
O6 RDG C 5 -8.62 18.90 -8.64
C5 RDG C 5 -6.69 17.35 -8.26
N7 RDG C 5 -7.25 16.18 -7.76
C8 RDG C 5 -6.23 15.28 -7.53
N2 RDG C 5 -4.11 20.39 -9.67
C11 RDG C 5 -2.75 20.07 -10.07
C10 RDG C 5 -1.61 20.57 -9.20
C9 RDG C 5 -1.77 21.18 -7.92
O7 RDG C 5 -0.32 20.50 -9.52
C12 RDG C 5 0.43 21.02 -8.55
C7 RDG C 5 -0.41 21.47 -7.51
OP2 RDG D 5 -27.24 24.30 29.13
P RDG D 5 -27.50 25.65 29.76
OP1 RDG D 5 -29.02 25.79 30.19
O5' RDG D 5 -27.11 26.81 28.78
C5' RDG D 5 -27.13 28.13 29.25
C4' RDG D 5 -26.06 29.01 28.91
C3' RDG D 5 -25.87 29.09 27.46
O3' RDG D 5 -25.54 30.37 27.19
C2' RDG D 5 -24.74 28.21 27.17
C1' RDG D 5 -23.95 28.17 28.44
O4' RDG D 5 -24.82 28.55 29.47
N9 RDG D 5 -23.41 26.87 28.67
C4 RDG D 5 -22.10 26.61 29.13
N3 RDG D 5 -21.03 27.44 29.46
C2 RDG D 5 -19.86 26.92 29.88
N1 RDG D 5 -19.68 25.56 30.01
C6 RDG D 5 -20.70 24.69 29.70
O6 RDG D 5 -20.51 23.28 29.83
C5 RDG D 5 -21.97 25.22 29.24
N7 RDG D 5 -23.18 24.66 28.85
C8 RDG D 5 -24.04 25.69 28.52
N2 RDG D 5 -18.77 27.81 30.22
C11 RDG D 5 -18.85 29.22 29.89
C10 RDG D 5 -19.67 30.11 30.81
C9 RDG D 5 -19.34 30.40 32.16
O7 RDG D 5 -20.78 30.74 30.45
C12 RDG D 5 -21.26 31.44 31.47
C7 RDG D 5 -20.42 31.28 32.60
OP2 RDG E 5 -9.82 -23.81 7.81
P RDG E 5 -9.75 -25.39 7.62
OP1 RDG E 5 -11.12 -26.02 7.72
O5' RDG E 5 -8.78 -25.99 8.68
C5' RDG E 5 -8.12 -27.21 8.44
C4' RDG E 5 -7.01 -27.51 9.26
C3' RDG E 5 -7.08 -26.76 10.51
O3' RDG E 5 -6.67 -27.56 11.52
C2' RDG E 5 -6.15 -25.65 10.37
C1' RDG E 5 -5.11 -26.21 9.45
O4' RDG E 5 -5.79 -27.09 8.59
N9 RDG E 5 -4.42 -25.19 8.75
C4 RDG E 5 -3.10 -25.31 8.27
N3 RDG E 5 -2.19 -26.35 8.32
C2 RDG E 5 -0.96 -26.20 7.77
N1 RDG E 5 -0.58 -25.04 7.15
C6 RDG E 5 -1.44 -23.97 7.07
O6 RDG E 5 -1.04 -22.76 6.42
C5 RDG E 5 -2.76 -24.10 7.65
N7 RDG E 5 -3.87 -23.26 7.76
C8 RDG E 5 -4.86 -23.95 8.44
N2 RDG E 5 -0.05 -27.33 7.86
C11 RDG E 5 -0.53 -28.55 8.49
C10 RDG E 5 0.44 -29.30 9.40
C9 RDG E 5 1.49 -30.15 8.94
O7 RDG E 5 0.42 -29.27 10.72
C12 RDG E 5 1.38 -30.02 11.21
C7 RDG E 5 2.11 -30.62 10.16
OP2 RDG F 5 13.78 13.86 28.48
P RDG F 5 12.32 14.24 28.65
OP1 RDG F 5 12.07 14.72 30.13
O5' RDG F 5 11.43 13.00 28.33
C5' RDG F 5 12.01 11.82 27.82
C4' RDG F 5 12.43 10.84 28.76
C3' RDG F 5 12.39 9.51 28.14
O3' RDG F 5 13.47 8.80 28.56
C2' RDG F 5 11.20 8.89 28.69
C1' RDG F 5 11.08 9.50 30.04
O4' RDG F 5 11.52 10.83 29.88
N9 RDG F 5 9.74 9.40 30.53
C4 RDG F 5 9.34 8.59 31.60
N3 RDG F 5 10.02 7.73 32.45
C2 RDG F 5 9.35 7.06 33.43
N1 RDG F 5 8.00 7.21 33.60
C6 RDG F 5 7.28 8.05 32.80
O6 RDG F 5 5.86 8.20 32.99
C5 RDG F 5 7.95 8.77 31.75
N7 RDG F 5 7.55 9.68 30.78
C8 RDG F 5 8.66 10.05 30.04
N2 RDG F 5 10.10 6.16 34.28
C11 RDG F 5 11.49 5.89 34.01
C10 RDG F 5 12.53 6.61 34.86
C9 RDG F 5 12.89 6.24 36.19
O7 RDG F 5 13.23 7.67 34.47
C12 RDG F 5 14.05 8.06 35.43
C7 RDG F 5 13.91 7.22 36.56
O2 1FZ G . -3.82 20.36 -13.20
O4 1FZ G . -8.15 21.50 -13.05
C4 1FZ G . -6.96 21.80 -13.24
C5 1FZ G . -6.60 23.18 -13.65
C6 1FZ G . -5.27 23.48 -13.87
C5M 1FZ G . -7.67 24.24 -13.82
N3 1FZ G . -6.00 20.89 -13.12
C2 1FZ G . -4.72 21.22 -13.34
N1 1FZ G . -4.34 22.53 -13.71
C1' 1FZ G . -2.93 22.84 -13.94
C2' 1FZ G . -2.68 22.79 -15.45
C3' 1FZ G . -2.35 24.21 -15.85
O3' 1FZ G . -1.24 24.22 -16.76
O4' 1FZ G . -2.64 24.17 -13.50
C4' 1FZ G . -2.00 24.91 -14.54
C5' 1FZ G . -2.53 26.34 -14.51
O5' 1FZ G . -3.95 26.26 -14.49
PA 1FZ G . -4.85 27.43 -15.14
O1A 1FZ G . -4.14 28.77 -15.13
O2A 1FZ G . -6.17 27.52 -14.44
N3A 1FZ G . -5.06 26.83 -16.62
PB 1FZ G . -4.15 27.25 -17.88
O1B 1FZ G . -3.51 26.02 -18.48
O2B 1FZ G . -3.08 28.26 -17.54
O3B 1FZ G . -5.26 27.85 -18.87
PG 1FZ G . -5.26 29.41 -19.29
O1G 1FZ G . -4.88 30.27 -18.10
O3G 1FZ G . -4.27 29.63 -20.41
O2G 1FZ G . -6.64 29.79 -19.76
MG MG H . -2.86 29.90 -16.36
MG MG I . -5.36 30.70 -13.92
O2 1FZ J . 0.09 -29.64 5.23
O4 1FZ J . 1.72 -25.99 3.20
C4 1FZ J . 1.88 -27.16 3.62
C5 1FZ J . 3.18 -27.84 3.44
C6 1FZ J . 3.32 -29.14 3.92
C5M 1FZ J . 4.34 -27.15 2.77
N3 1FZ J . 0.89 -27.80 4.22
C2 1FZ J . 1.05 -29.06 4.67
N1 1FZ J . 2.28 -29.73 4.52
C1' 1FZ J . 2.41 -31.10 5.02
C2' 1FZ J . 2.49 -32.07 3.85
C3' 1FZ J . 3.87 -32.71 3.94
O3' 1FZ J . 3.77 -34.12 3.79
O4' 1FZ J . 3.63 -31.22 5.76
C4' 1FZ J . 4.41 -32.32 5.31
C5' 1FZ J . 5.87 -31.88 5.21
O5' 1FZ J . 5.92 -30.81 4.28
PA 1FZ J . 7.23 -30.57 3.36
O1A 1FZ J . 7.51 -29.10 3.23
O2A 1FZ J . 8.43 -31.30 3.91
N3A 1FZ J . 6.72 -31.16 1.94
PB 1FZ J . 7.01 -32.66 1.46
O1B 1FZ J . 5.72 -33.44 1.37
O2B 1FZ J . 7.99 -33.40 2.34
O3B 1FZ J . 7.63 -32.42 0.00
PG 1FZ J . 9.20 -32.64 -0.24
O1G 1FZ J . 9.96 -32.02 0.90
O3G 1FZ J . 9.61 -31.97 -1.54
O2G 1FZ J . 9.49 -34.12 -0.31
MG MG K . 9.43 -33.72 3.75
MG MG L . 9.22 -31.21 6.20
#